data_2YFN
#
_entry.id   2YFN
#
_cell.length_a   105.058
_cell.length_b   111.650
_cell.length_c   154.886
_cell.angle_alpha   90.00
_cell.angle_beta   90.00
_cell.angle_gamma   90.00
#
_symmetry.space_group_name_H-M   'I 2 2 2'
#
loop_
_entity.id
_entity.type
_entity.pdbx_description
1 polymer 'ALPHA-GALACTOSIDASE-SUCROSE KINASE AGASK'
2 non-polymer GLYCEROL
3 non-polymer 1,2-ETHANEDIOL
4 non-polymer 'PHOSPHATE ION'
5 non-polymer 'MAGNESIUM ION'
6 water water
#
_entity_poly.entity_id   1
_entity_poly.type   'polypeptide(L)'
_entity_poly.pdbx_seq_one_letter_code
;MAIIYNPNKKIFTLHTAHTTYQMQVDPLGYLLHLYYGEKTNSSMDYVLTYADRGFSGNPYAAGMDRTYSLDALPQEYPSL
GTGDYRNIALNIKNEKGVESADLLFKSYEIRNGKYRLQGLPAVWADEKEAQTLEIVLADENAQVEVHLLYGVLEENDVIT
RSVRIKNTGTGQITIEKAAAACLDFVQGEFDVLRFYGKHAMERNLERTPLGHGTIAFGSRRGTSSHQYNPAVILAEKGTT
ETAGSCYGMLFVYSGNFSCEAEKDQFNQTRLLLGLNEELFSYPLASGETFTVPEVILSYSAEGLSALSQQYHNCIRNHVC
RSKYVHMQRPVLINSWEAAYFDFTGDTIVDLAKEAASLGIDMVVMDDGWFGKRNDDNSSLGDWQVNETKLGGSLAELITR
VHEQGMKFGIWIEPEMINEDSDLYRAHPDWAIRIQGKKPVRSRNQLLLDFSRKEVRDCVFDQICVVLDQGKIDYVKWDMN
RSMADVYAGNLSYDYVLGVYDFMERLCSRYPDLLLEGCSGGGGRFDAGMLYYSPQIWCSDNTDAINRTRIQYGTSFFYPV
SAMGAHVSAVPNHQTGRVTSFHTRGVTAMAGTFGYELNPALLSDEEKQQIREQIKTYKKYETLINEGTYWRLSDPFTDEI
AAWMSVSEEQDHALVSVVRLMAEANQATVYVRLRGLKPDAVYLEEQSGRQYSGAALMHAGIPLPPFTEEYEAYQFAFTEL
;
_entity_poly.pdbx_strand_id   A
#
# COMPACT_ATOMS: atom_id res chain seq x y z
N ALA A 2 -13.72 -21.43 1.98
CA ALA A 2 -13.71 -22.86 2.43
C ALA A 2 -12.32 -23.42 2.25
N ILE A 3 -11.91 -24.33 3.13
CA ILE A 3 -10.64 -25.03 2.99
C ILE A 3 -10.92 -26.52 3.19
N ILE A 4 -10.49 -27.32 2.21
CA ILE A 4 -10.75 -28.76 2.16
CA ILE A 4 -10.70 -28.75 2.32
C ILE A 4 -9.43 -29.54 2.05
N TYR A 5 -9.32 -30.68 2.74
CA TYR A 5 -8.23 -31.62 2.54
C TYR A 5 -8.78 -32.95 2.06
N ASN A 6 -8.21 -33.45 0.97
CA ASN A 6 -8.49 -34.79 0.46
C ASN A 6 -7.28 -35.63 0.86
N PRO A 7 -7.41 -36.49 1.88
CA PRO A 7 -6.24 -37.22 2.36
C PRO A 7 -5.68 -38.25 1.38
N ASN A 8 -6.54 -38.80 0.54
CA ASN A 8 -6.12 -39.82 -0.39
C ASN A 8 -5.24 -39.28 -1.50
N LYS A 9 -5.65 -38.15 -2.07
CA LYS A 9 -4.83 -37.46 -3.08
C LYS A 9 -3.84 -36.45 -2.48
N LYS A 10 -3.98 -36.20 -1.19
CA LYS A 10 -3.16 -35.26 -0.42
C LYS A 10 -3.30 -33.88 -1.07
N ILE A 11 -4.54 -33.52 -1.41
CA ILE A 11 -4.82 -32.24 -2.07
C ILE A 11 -5.49 -31.29 -1.09
N PHE A 12 -5.03 -30.05 -1.04
CA PHE A 12 -5.65 -28.99 -0.26
C PHE A 12 -6.29 -28.03 -1.25
N THR A 13 -7.57 -27.77 -1.04
CA THR A 13 -8.29 -26.82 -1.87
C THR A 13 -8.78 -25.64 -1.02
N LEU A 14 -8.51 -24.44 -1.54
CA LEU A 14 -8.99 -23.19 -0.95
C LEU A 14 -10.02 -22.61 -1.91
N HIS A 15 -11.24 -22.41 -1.41
CA HIS A 15 -12.30 -21.78 -2.21
C HIS A 15 -12.67 -20.45 -1.64
N THR A 16 -12.73 -19.43 -2.50
CA THR A 16 -13.37 -18.17 -2.17
C THR A 16 -14.73 -18.19 -2.89
N ALA A 17 -15.45 -17.08 -2.86
CA ALA A 17 -16.72 -17.03 -3.53
C ALA A 17 -16.63 -17.38 -5.01
N HIS A 18 -15.59 -16.91 -5.67
CA HIS A 18 -15.46 -17.02 -7.15
C HIS A 18 -14.16 -17.61 -7.59
N THR A 19 -13.27 -18.01 -6.68
CA THR A 19 -11.97 -18.53 -7.06
C THR A 19 -11.62 -19.82 -6.33
N THR A 20 -10.68 -20.56 -6.89
CA THR A 20 -10.18 -21.79 -6.30
C THR A 20 -8.66 -21.82 -6.44
N TYR A 21 -8.00 -22.18 -5.34
CA TYR A 21 -6.55 -22.33 -5.29
C TYR A 21 -6.31 -23.74 -4.78
N GLN A 22 -5.46 -24.51 -5.45
CA GLN A 22 -5.28 -25.90 -5.09
C GLN A 22 -3.81 -26.30 -5.10
N MET A 23 -3.42 -27.14 -4.14
CA MET A 23 -2.06 -27.60 -3.97
C MET A 23 -2.11 -29.10 -3.59
N GLN A 24 -0.97 -29.77 -3.73
CA GLN A 24 -0.90 -31.21 -3.47
C GLN A 24 0.44 -31.60 -2.89
N VAL A 25 0.42 -32.48 -1.89
CA VAL A 25 1.63 -33.14 -1.42
C VAL A 25 1.86 -34.36 -2.27
N ASP A 26 3.02 -34.40 -2.94
CA ASP A 26 3.29 -35.46 -3.89
C ASP A 26 3.88 -36.67 -3.12
N PRO A 27 4.11 -37.79 -3.85
CA PRO A 27 4.59 -38.97 -3.11
C PRO A 27 5.97 -38.89 -2.47
N LEU A 28 6.77 -37.91 -2.87
CA LEU A 28 8.04 -37.64 -2.25
C LEU A 28 7.96 -36.64 -1.10
N GLY A 29 6.80 -36.03 -0.89
CA GLY A 29 6.63 -35.09 0.20
C GLY A 29 6.71 -33.63 -0.20
N TYR A 30 6.90 -33.34 -1.49
CA TYR A 30 6.99 -31.97 -1.96
C TYR A 30 5.58 -31.37 -2.10
N LEU A 31 5.48 -30.08 -1.76
CA LEU A 31 4.19 -29.36 -1.83
C LEU A 31 4.11 -28.66 -3.18
N LEU A 32 3.36 -29.27 -4.07
CA LEU A 32 3.20 -28.75 -5.43
C LEU A 32 1.99 -27.84 -5.56
N HIS A 33 2.07 -26.85 -6.45
CA HIS A 33 0.98 -25.96 -6.74
C HIS A 33 0.26 -26.47 -7.96
N LEU A 34 -1.05 -26.70 -7.84
CA LEU A 34 -1.83 -27.24 -8.95
C LEU A 34 -2.55 -26.17 -9.78
N TYR A 35 -3.15 -25.19 -9.12
CA TYR A 35 -4.13 -24.32 -9.78
C TYR A 35 -4.45 -23.09 -8.98
N TYR A 36 -4.67 -21.98 -9.69
CA TYR A 36 -5.32 -20.84 -9.09
C TYR A 36 -6.09 -20.11 -10.18
N GLY A 37 -7.38 -19.98 -10.00
CA GLY A 37 -8.20 -19.39 -11.05
C GLY A 37 -9.67 -19.50 -10.72
N GLU A 38 -10.46 -19.64 -11.77
CA GLU A 38 -11.90 -19.70 -11.64
CA GLU A 38 -11.91 -19.74 -11.66
C GLU A 38 -12.32 -20.89 -10.77
N LYS A 39 -13.42 -20.71 -10.05
CA LYS A 39 -13.89 -21.73 -9.11
C LYS A 39 -14.13 -23.10 -9.77
N THR A 40 -13.59 -24.15 -9.16
CA THR A 40 -13.79 -25.53 -9.67
C THR A 40 -13.79 -26.53 -8.56
N ASN A 41 -14.64 -27.56 -8.66
CA ASN A 41 -14.60 -28.71 -7.73
C ASN A 41 -13.70 -29.84 -8.19
N SER A 42 -13.09 -29.70 -9.36
CA SER A 42 -12.21 -30.75 -9.86
C SER A 42 -10.91 -30.88 -9.09
N SER A 43 -10.36 -32.06 -9.17
CA SER A 43 -8.98 -32.28 -8.78
C SER A 43 -8.10 -31.89 -9.96
N MET A 44 -7.26 -30.88 -9.76
CA MET A 44 -6.46 -30.34 -10.85
C MET A 44 -5.09 -30.99 -10.96
N ASP A 45 -4.89 -32.13 -10.32
CA ASP A 45 -3.60 -32.78 -10.41
C ASP A 45 -3.28 -33.30 -11.80
N TYR A 46 -4.31 -33.45 -12.64
CA TYR A 46 -4.09 -33.87 -14.02
C TYR A 46 -3.23 -32.89 -14.79
N VAL A 47 -3.12 -31.63 -14.34
CA VAL A 47 -2.31 -30.67 -15.12
CA VAL A 47 -2.32 -30.61 -15.01
C VAL A 47 -0.82 -30.97 -15.02
N LEU A 48 -0.39 -31.73 -14.01
CA LEU A 48 1.02 -32.05 -13.85
C LEU A 48 1.47 -33.01 -14.93
N THR A 49 2.63 -32.72 -15.53
CA THR A 49 3.21 -33.59 -16.55
C THR A 49 4.68 -33.81 -16.18
N TYR A 50 5.24 -34.85 -16.78
CA TYR A 50 6.56 -35.39 -16.43
C TYR A 50 7.24 -35.85 -17.69
N ALA A 51 8.47 -35.37 -17.91
CA ALA A 51 9.31 -35.82 -19.00
C ALA A 51 10.74 -35.74 -18.50
N ASP A 52 11.61 -36.52 -19.12
CA ASP A 52 13.06 -36.41 -18.95
C ASP A 52 13.52 -35.17 -19.71
N ARG A 53 13.78 -34.10 -18.97
CA ARG A 53 14.16 -32.82 -19.54
C ARG A 53 15.63 -32.60 -19.24
N GLY A 54 16.42 -32.42 -20.27
CA GLY A 54 17.86 -32.38 -20.09
C GLY A 54 18.29 -31.38 -19.04
N PHE A 55 19.13 -31.84 -18.12
CA PHE A 55 19.73 -31.02 -17.08
C PHE A 55 18.76 -30.58 -15.97
N SER A 56 17.51 -31.04 -16.04
CA SER A 56 16.58 -30.88 -14.94
C SER A 56 16.66 -32.19 -14.14
N GLY A 57 17.37 -32.11 -13.02
CA GLY A 57 17.70 -33.32 -12.27
C GLY A 57 16.70 -33.65 -11.18
N ASN A 58 17.01 -34.72 -10.46
CA ASN A 58 15.99 -35.47 -9.75
C ASN A 58 16.39 -35.62 -8.29
N PRO A 59 15.43 -35.47 -7.36
CA PRO A 59 15.75 -35.80 -5.95
C PRO A 59 16.28 -37.22 -5.86
N TYR A 60 17.20 -37.47 -4.94
CA TYR A 60 17.66 -38.84 -4.71
C TYR A 60 16.47 -39.79 -4.54
N ALA A 61 15.45 -39.33 -3.84
CA ALA A 61 14.26 -40.14 -3.55
C ALA A 61 13.43 -40.54 -4.78
N ALA A 62 13.62 -39.85 -5.91
CA ALA A 62 12.97 -40.23 -7.16
C ALA A 62 13.64 -41.46 -7.78
N GLY A 63 14.77 -41.90 -7.24
CA GLY A 63 15.42 -43.12 -7.71
C GLY A 63 15.85 -42.98 -9.17
N MET A 64 15.42 -43.91 -10.01
CA MET A 64 15.79 -43.89 -11.42
C MET A 64 14.82 -43.11 -12.32
N ASP A 65 13.80 -42.48 -11.73
CA ASP A 65 12.81 -41.73 -12.48
C ASP A 65 13.36 -40.34 -12.86
N ARG A 66 13.88 -40.22 -14.09
CA ARG A 66 14.47 -38.95 -14.54
C ARG A 66 13.44 -37.92 -14.91
N THR A 67 12.18 -38.31 -14.88
CA THR A 67 11.10 -37.40 -15.30
C THR A 67 10.56 -36.54 -14.16
N TYR A 68 11.11 -36.71 -12.96
CA TYR A 68 10.65 -35.99 -11.78
CA TYR A 68 10.66 -36.00 -11.77
C TYR A 68 11.70 -34.98 -11.33
N SER A 69 11.41 -33.70 -11.54
CA SER A 69 12.35 -32.64 -11.22
C SER A 69 11.72 -31.39 -10.66
N LEU A 70 12.26 -30.92 -9.54
CA LEU A 70 11.79 -29.64 -9.00
C LEU A 70 12.33 -28.44 -9.78
N ASP A 71 13.18 -28.68 -10.80
CA ASP A 71 13.51 -27.63 -11.76
C ASP A 71 12.41 -27.46 -12.79
N ALA A 72 11.41 -28.35 -12.82
CA ALA A 72 10.28 -28.24 -13.77
C ALA A 72 8.94 -28.08 -13.05
N LEU A 73 8.74 -28.82 -11.96
CA LEU A 73 7.40 -28.89 -11.34
C LEU A 73 6.98 -27.62 -10.63
N PRO A 74 5.67 -27.32 -10.64
CA PRO A 74 5.15 -26.11 -9.97
C PRO A 74 5.02 -26.35 -8.49
N GLN A 75 5.44 -25.34 -7.71
CA GLN A 75 5.60 -25.47 -6.26
C GLN A 75 5.01 -24.33 -5.47
N GLU A 76 4.50 -24.66 -4.30
CA GLU A 76 4.01 -23.64 -3.35
C GLU A 76 5.10 -22.73 -2.80
N TYR A 77 6.25 -23.31 -2.50
CA TYR A 77 7.32 -22.57 -1.80
C TYR A 77 8.68 -23.17 -2.18
N PRO A 78 9.11 -22.93 -3.43
CA PRO A 78 10.37 -23.45 -3.92
C PRO A 78 11.56 -22.86 -3.17
N SER A 79 12.65 -23.62 -3.11
CA SER A 79 13.78 -23.25 -2.27
C SER A 79 15.09 -23.59 -2.94
N LEU A 80 16.13 -22.93 -2.47
CA LEU A 80 17.50 -23.20 -2.91
C LEU A 80 17.94 -24.47 -2.19
N GLY A 81 18.19 -25.54 -2.94
CA GLY A 81 18.58 -26.84 -2.37
C GLY A 81 17.73 -28.03 -2.76
N THR A 82 16.89 -27.89 -3.79
CA THR A 82 16.01 -28.94 -4.31
C THR A 82 16.44 -29.42 -5.69
N GLY A 83 17.43 -28.78 -6.30
CA GLY A 83 17.74 -29.02 -7.73
C GLY A 83 16.99 -28.07 -8.66
N ASP A 84 16.11 -27.23 -8.10
CA ASP A 84 15.41 -26.18 -8.84
C ASP A 84 16.40 -25.06 -9.14
N TYR A 85 16.51 -24.66 -10.40
CA TYR A 85 17.42 -23.58 -10.79
C TYR A 85 16.74 -22.24 -11.07
N ARG A 86 15.42 -22.18 -10.92
CA ARG A 86 14.65 -20.94 -11.12
C ARG A 86 14.85 -19.97 -9.95
N ASN A 87 14.30 -18.74 -10.04
CA ASN A 87 14.26 -17.94 -8.84
C ASN A 87 13.51 -18.74 -7.77
N ILE A 88 13.92 -18.60 -6.50
CA ILE A 88 13.35 -19.39 -5.42
C ILE A 88 12.83 -18.50 -4.28
N ALA A 89 12.01 -19.09 -3.41
CA ALA A 89 11.37 -18.35 -2.30
C ALA A 89 12.17 -18.39 -1.03
N LEU A 90 12.98 -19.41 -0.82
CA LEU A 90 13.65 -19.63 0.46
C LEU A 90 15.09 -20.05 0.30
N ASN A 91 15.96 -19.38 1.05
CA ASN A 91 17.36 -19.77 1.18
C ASN A 91 17.74 -19.66 2.66
N ILE A 92 18.18 -20.78 3.21
CA ILE A 92 18.64 -20.91 4.60
C ILE A 92 20.11 -21.25 4.55
N LYS A 93 20.91 -20.57 5.35
CA LYS A 93 22.33 -20.95 5.52
C LYS A 93 22.46 -21.55 6.91
N ASN A 94 22.86 -22.82 6.96
CA ASN A 94 22.67 -23.60 8.17
C ASN A 94 23.84 -23.36 9.08
N GLU A 95 23.85 -24.11 10.18
CA GLU A 95 24.78 -23.87 11.26
C GLU A 95 26.21 -24.27 10.88
N LYS A 96 26.35 -24.99 9.77
CA LYS A 96 27.67 -25.27 9.17
C LYS A 96 28.06 -24.42 7.95
N GLY A 97 27.25 -23.44 7.53
CA GLY A 97 27.60 -22.58 6.38
C GLY A 97 26.99 -23.03 5.03
N VAL A 98 26.17 -24.04 5.08
CA VAL A 98 25.63 -24.67 3.88
C VAL A 98 24.33 -23.96 3.52
N GLU A 99 24.24 -23.45 2.29
CA GLU A 99 23.01 -22.84 1.79
C GLU A 99 22.16 -23.93 1.16
N SER A 100 21.17 -24.41 1.90
CA SER A 100 20.28 -25.48 1.41
C SER A 100 19.02 -25.59 2.23
N ALA A 101 17.88 -25.76 1.56
CA ALA A 101 16.60 -26.04 2.18
C ALA A 101 15.85 -26.86 1.17
N ASP A 102 15.39 -28.02 1.59
CA ASP A 102 14.78 -29.02 0.74
C ASP A 102 13.57 -29.53 1.54
N LEU A 103 12.41 -28.90 1.33
CA LEU A 103 11.31 -28.97 2.30
C LEU A 103 10.29 -30.05 1.96
N LEU A 104 10.01 -30.90 2.93
CA LEU A 104 9.07 -31.99 2.78
C LEU A 104 7.93 -31.84 3.79
N PHE A 105 6.77 -32.26 3.35
CA PHE A 105 5.57 -32.17 4.17
C PHE A 105 5.67 -32.95 5.49
N LYS A 106 5.24 -32.29 6.57
CA LYS A 106 5.12 -32.91 7.88
C LYS A 106 3.67 -33.02 8.41
N SER A 107 2.90 -31.94 8.34
CA SER A 107 1.58 -31.93 8.98
C SER A 107 0.82 -30.69 8.50
N TYR A 108 -0.45 -30.64 8.88
CA TYR A 108 -1.24 -29.45 8.61
C TYR A 108 -2.30 -29.23 9.69
N GLU A 109 -2.92 -28.07 9.65
CA GLU A 109 -4.13 -27.80 10.42
C GLU A 109 -4.98 -26.83 9.65
N ILE A 110 -6.28 -27.08 9.67
CA ILE A 110 -7.28 -26.08 9.21
C ILE A 110 -7.99 -25.50 10.43
N ARG A 111 -8.07 -24.18 10.52
CA ARG A 111 -8.65 -23.46 11.66
C ARG A 111 -9.65 -22.47 11.14
N ASN A 112 -10.73 -22.24 11.89
CA ASN A 112 -11.60 -21.14 11.57
C ASN A 112 -10.92 -19.83 11.97
N GLY A 113 -11.23 -18.77 11.24
CA GLY A 113 -10.69 -17.47 11.48
C GLY A 113 -9.41 -17.21 10.71
N LYS A 114 -8.80 -16.07 11.02
CA LYS A 114 -7.67 -15.53 10.26
C LYS A 114 -6.47 -15.34 11.19
N TYR A 115 -5.36 -16.00 10.87
CA TYR A 115 -4.12 -15.90 11.64
C TYR A 115 -3.65 -14.46 11.78
N ARG A 116 -2.92 -14.22 12.88
CA ARG A 116 -2.27 -12.94 13.11
CA ARG A 116 -2.27 -12.96 13.20
C ARG A 116 -0.78 -13.17 13.10
N LEU A 117 -0.01 -12.08 12.92
CA LEU A 117 1.42 -12.19 12.81
C LEU A 117 2.10 -11.43 13.93
N GLN A 118 3.11 -12.06 14.52
CA GLN A 118 3.86 -11.49 15.64
CA GLN A 118 3.78 -11.44 15.65
C GLN A 118 4.57 -10.20 15.22
N GLY A 119 4.17 -9.09 15.84
CA GLY A 119 4.83 -7.79 15.62
C GLY A 119 4.59 -7.12 14.29
N LEU A 120 3.65 -7.64 13.51
CA LEU A 120 3.44 -7.18 12.14
C LEU A 120 1.96 -6.93 11.87
N PRO A 121 1.67 -5.98 10.99
CA PRO A 121 0.33 -5.82 10.46
C PRO A 121 -0.05 -7.07 9.63
N ALA A 122 -1.33 -7.38 9.56
CA ALA A 122 -1.84 -8.43 8.70
C ALA A 122 -3.34 -8.25 8.53
N VAL A 123 -3.85 -8.81 7.47
CA VAL A 123 -5.30 -8.93 7.28
C VAL A 123 -5.92 -9.59 8.49
N TRP A 124 -7.11 -9.12 8.87
CA TRP A 124 -7.86 -9.68 9.99
C TRP A 124 -9.30 -9.88 9.56
N ALA A 125 -9.94 -10.82 10.24
CA ALA A 125 -11.33 -11.16 9.98
C ALA A 125 -11.84 -12.01 11.12
N ASP A 126 -13.13 -12.23 11.14
CA ASP A 126 -13.67 -13.09 12.22
C ASP A 126 -13.72 -14.56 11.83
N GLU A 127 -14.09 -15.42 12.79
CA GLU A 127 -14.10 -16.87 12.52
C GLU A 127 -15.12 -17.34 11.52
N LYS A 128 -16.13 -16.52 11.20
CA LYS A 128 -17.11 -16.88 10.19
C LYS A 128 -16.71 -16.43 8.80
N GLU A 129 -15.91 -15.36 8.74
CA GLU A 129 -15.52 -14.73 7.50
C GLU A 129 -14.31 -15.40 6.84
N ALA A 130 -13.51 -16.07 7.67
CA ALA A 130 -12.22 -16.55 7.21
C ALA A 130 -11.88 -17.92 7.75
N GLN A 131 -11.00 -18.62 7.05
CA GLN A 131 -10.36 -19.82 7.59
C GLN A 131 -8.88 -19.72 7.28
N THR A 132 -8.11 -20.47 8.06
CA THR A 132 -6.65 -20.51 7.94
C THR A 132 -6.20 -21.94 7.74
N LEU A 133 -5.31 -22.15 6.77
CA LEU A 133 -4.58 -23.41 6.61
C LEU A 133 -3.16 -23.17 7.00
N GLU A 134 -2.63 -24.00 7.89
CA GLU A 134 -1.23 -23.95 8.25
C GLU A 134 -0.61 -25.27 7.87
N ILE A 135 0.34 -25.26 6.94
CA ILE A 135 1.08 -26.45 6.54
C ILE A 135 2.49 -26.41 7.07
N VAL A 136 2.93 -27.51 7.70
CA VAL A 136 4.28 -27.59 8.23
C VAL A 136 5.11 -28.44 7.29
N LEU A 137 6.21 -27.87 6.80
CA LEU A 137 7.24 -28.60 6.04
C LEU A 137 8.55 -28.56 6.82
N ALA A 138 9.48 -29.47 6.52
CA ALA A 138 10.75 -29.44 7.22
C ALA A 138 11.85 -30.02 6.37
N ASP A 139 13.06 -29.61 6.70
CA ASP A 139 14.30 -30.21 6.19
C ASP A 139 15.16 -30.61 7.38
N GLU A 140 15.31 -31.91 7.57
CA GLU A 140 16.08 -32.45 8.70
C GLU A 140 17.61 -32.18 8.65
N ASN A 141 18.17 -31.94 7.46
CA ASN A 141 19.59 -31.63 7.32
CA ASN A 141 19.61 -31.63 7.34
C ASN A 141 19.90 -30.16 7.57
N ALA A 142 19.00 -29.31 7.11
CA ALA A 142 19.09 -27.88 7.37
C ALA A 142 18.66 -27.64 8.82
N GLN A 143 17.89 -28.56 9.38
CA GLN A 143 17.22 -28.40 10.68
C GLN A 143 16.38 -27.12 10.70
N VAL A 144 15.48 -27.03 9.73
CA VAL A 144 14.55 -25.93 9.66
C VAL A 144 13.15 -26.52 9.51
N GLU A 145 12.18 -25.80 10.08
CA GLU A 145 10.80 -26.15 9.97
C GLU A 145 10.07 -24.91 9.46
N VAL A 146 9.29 -25.07 8.39
CA VAL A 146 8.67 -23.95 7.69
C VAL A 146 7.16 -24.13 7.79
N HIS A 147 6.49 -23.11 8.33
CA HIS A 147 5.06 -23.11 8.47
C HIS A 147 4.49 -22.15 7.43
N LEU A 148 3.80 -22.70 6.44
CA LEU A 148 3.12 -21.90 5.44
C LEU A 148 1.70 -21.61 5.93
N LEU A 149 1.34 -20.34 5.92
CA LEU A 149 0.03 -19.88 6.37
C LEU A 149 -0.76 -19.37 5.17
N TYR A 150 -1.95 -19.90 4.98
CA TYR A 150 -2.90 -19.44 3.98
C TYR A 150 -4.16 -18.97 4.67
N GLY A 151 -4.55 -17.72 4.40
CA GLY A 151 -5.78 -17.16 4.93
C GLY A 151 -6.79 -17.03 3.82
N VAL A 152 -7.99 -17.54 4.02
CA VAL A 152 -9.01 -17.52 2.97
C VAL A 152 -10.17 -16.64 3.41
N LEU A 153 -10.42 -15.55 2.69
CA LEU A 153 -11.52 -14.63 2.95
C LEU A 153 -12.48 -14.76 1.77
N GLU A 154 -13.53 -15.57 1.95
CA GLU A 154 -14.35 -16.03 0.83
C GLU A 154 -15.00 -14.87 0.10
N GLU A 155 -15.69 -14.02 0.85
CA GLU A 155 -16.51 -12.98 0.18
C GLU A 155 -15.67 -11.99 -0.60
N ASN A 156 -14.46 -11.76 -0.11
CA ASN A 156 -13.53 -10.82 -0.71
CA ASN A 156 -13.51 -10.83 -0.70
C ASN A 156 -12.70 -11.38 -1.86
N ASP A 157 -12.79 -12.70 -2.08
CA ASP A 157 -11.99 -13.36 -3.12
C ASP A 157 -10.51 -13.12 -2.89
N VAL A 158 -10.12 -13.16 -1.61
CA VAL A 158 -8.75 -12.96 -1.19
C VAL A 158 -8.18 -14.22 -0.56
N ILE A 159 -6.94 -14.53 -0.90
CA ILE A 159 -6.15 -15.55 -0.23
C ILE A 159 -4.88 -14.87 0.23
N THR A 160 -4.59 -14.91 1.52
CA THR A 160 -3.36 -14.32 2.04
C THR A 160 -2.32 -15.45 2.23
N ARG A 161 -1.03 -15.08 2.23
CA ARG A 161 0.04 -16.01 2.54
C ARG A 161 1.07 -15.36 3.46
N SER A 162 1.53 -16.16 4.41
CA SER A 162 2.66 -15.78 5.23
C SER A 162 3.47 -17.04 5.52
N VAL A 163 4.56 -16.88 6.27
CA VAL A 163 5.49 -17.96 6.55
C VAL A 163 6.10 -17.74 7.91
N ARG A 164 6.23 -18.81 8.69
CA ARG A 164 7.02 -18.78 9.90
C ARG A 164 8.12 -19.83 9.76
N ILE A 165 9.35 -19.41 10.04
CA ILE A 165 10.51 -20.29 9.89
C ILE A 165 11.13 -20.52 11.25
N LYS A 166 11.29 -21.79 11.63
CA LYS A 166 11.82 -22.17 12.95
C LYS A 166 13.13 -22.94 12.77
N ASN A 167 14.11 -22.59 13.58
CA ASN A 167 15.37 -23.31 13.68
C ASN A 167 15.18 -24.44 14.67
N THR A 168 15.22 -25.66 14.19
CA THR A 168 15.05 -26.84 15.02
C THR A 168 16.35 -27.50 15.42
N GLY A 169 17.49 -26.94 14.98
CA GLY A 169 18.79 -27.48 15.36
C GLY A 169 19.38 -26.80 16.58
N THR A 170 20.65 -27.10 16.86
CA THR A 170 21.31 -26.54 18.03
CA THR A 170 21.35 -26.57 18.02
C THR A 170 22.09 -25.27 17.72
N GLY A 171 22.63 -25.15 16.52
CA GLY A 171 23.42 -23.99 16.18
C GLY A 171 22.58 -22.95 15.47
N GLN A 172 23.09 -21.74 15.39
CA GLN A 172 22.41 -20.62 14.72
C GLN A 172 22.35 -20.87 13.22
N ILE A 173 21.24 -20.50 12.60
CA ILE A 173 21.14 -20.43 11.16
C ILE A 173 20.90 -18.98 10.75
N THR A 174 21.08 -18.67 9.47
CA THR A 174 20.63 -17.38 8.96
C THR A 174 19.64 -17.59 7.85
N ILE A 175 18.62 -16.74 7.86
CA ILE A 175 17.65 -16.71 6.79
C ILE A 175 18.20 -15.72 5.77
N GLU A 176 18.46 -16.20 4.54
CA GLU A 176 19.11 -15.39 3.51
C GLU A 176 18.13 -14.90 2.45
N LYS A 177 17.05 -15.65 2.20
CA LYS A 177 15.94 -15.18 1.36
C LYS A 177 14.68 -15.78 1.92
N ALA A 178 13.64 -14.97 2.04
CA ALA A 178 12.35 -15.44 2.47
C ALA A 178 11.24 -14.68 1.77
N ALA A 179 10.68 -15.28 0.71
CA ALA A 179 9.47 -14.76 0.08
C ALA A 179 8.25 -15.14 0.91
N ALA A 180 7.15 -14.43 0.71
CA ALA A 180 5.89 -14.80 1.36
C ALA A 180 5.01 -15.65 0.44
N ALA A 181 5.12 -15.43 -0.87
CA ALA A 181 4.21 -16.08 -1.82
C ALA A 181 4.91 -16.41 -3.11
N CYS A 182 4.50 -17.53 -3.70
CA CYS A 182 4.96 -17.99 -4.99
C CYS A 182 3.77 -18.49 -5.76
N LEU A 183 3.62 -18.05 -6.99
CA LEU A 183 2.68 -18.63 -7.92
C LEU A 183 3.43 -19.20 -9.09
N ASP A 184 3.26 -20.50 -9.29
CA ASP A 184 3.80 -21.21 -10.43
C ASP A 184 2.73 -21.56 -11.41
N PHE A 185 2.89 -21.08 -12.63
CA PHE A 185 2.02 -21.37 -13.77
C PHE A 185 2.71 -22.29 -14.73
N VAL A 186 2.09 -23.44 -14.99
CA VAL A 186 2.61 -24.35 -16.01
C VAL A 186 2.41 -23.85 -17.43
N GLN A 187 1.50 -22.89 -17.62
CA GLN A 187 1.27 -22.31 -18.92
CA GLN A 187 1.14 -22.36 -18.94
C GLN A 187 0.71 -20.92 -18.82
N GLY A 188 0.85 -20.18 -19.91
CA GLY A 188 0.24 -18.87 -20.04
C GLY A 188 1.20 -17.81 -20.46
N GLU A 189 0.68 -16.84 -21.24
CA GLU A 189 1.45 -15.69 -21.67
C GLU A 189 0.96 -14.54 -20.82
N PHE A 190 1.88 -13.80 -20.21
CA PHE A 190 1.55 -12.78 -19.23
C PHE A 190 2.23 -11.45 -19.48
N ASP A 191 1.59 -10.40 -18.99
CA ASP A 191 2.22 -9.11 -18.79
C ASP A 191 2.43 -8.88 -17.28
N VAL A 192 3.45 -8.09 -16.96
CA VAL A 192 3.74 -7.69 -15.58
C VAL A 192 3.46 -6.21 -15.45
N LEU A 193 2.54 -5.89 -14.52
CA LEU A 193 2.21 -4.53 -14.17
C LEU A 193 2.89 -4.22 -12.85
N ARG A 194 3.66 -3.14 -12.86
CA ARG A 194 4.32 -2.63 -11.64
C ARG A 194 4.23 -1.15 -11.59
N PHE A 195 4.51 -0.58 -10.42
CA PHE A 195 4.17 0.80 -10.14
C PHE A 195 5.44 1.48 -9.67
N TYR A 196 6.04 2.22 -10.59
CA TYR A 196 7.38 2.79 -10.39
C TYR A 196 7.33 4.29 -10.30
N GLY A 197 8.33 4.87 -9.66
CA GLY A 197 8.41 6.32 -9.71
C GLY A 197 9.61 6.85 -8.97
N LYS A 198 9.42 8.02 -8.39
CA LYS A 198 10.46 8.79 -7.73
C LYS A 198 9.78 9.64 -6.69
N HIS A 199 10.56 10.32 -5.84
CA HIS A 199 9.97 11.29 -4.96
C HIS A 199 9.18 12.30 -5.81
N ALA A 200 7.96 12.58 -5.37
CA ALA A 200 7.08 13.55 -6.01
C ALA A 200 6.54 13.08 -7.38
N MET A 201 6.67 11.79 -7.65
CA MET A 201 6.01 11.20 -8.84
C MET A 201 5.98 9.68 -8.72
N GLU A 202 5.14 9.23 -7.79
CA GLU A 202 5.08 7.84 -7.42
C GLU A 202 4.10 7.05 -8.28
N ARG A 203 4.36 5.76 -8.39
CA ARG A 203 3.37 4.79 -8.79
C ARG A 203 2.83 5.00 -10.21
N ASN A 204 3.72 5.43 -11.11
CA ASN A 204 3.42 5.33 -12.52
C ASN A 204 3.23 3.87 -12.92
N LEU A 205 2.22 3.60 -13.73
CA LEU A 205 2.00 2.26 -14.26
C LEU A 205 3.01 1.91 -15.36
N GLU A 206 3.74 0.79 -15.19
CA GLU A 206 4.51 0.17 -16.25
C GLU A 206 3.94 -1.20 -16.50
N ARG A 207 3.48 -1.44 -17.73
CA ARG A 207 2.96 -2.73 -18.16
C ARG A 207 3.73 -3.21 -19.35
N THR A 208 4.43 -4.33 -19.17
CA THR A 208 5.15 -4.94 -20.28
C THR A 208 4.92 -6.43 -20.37
N PRO A 209 5.02 -7.01 -21.56
CA PRO A 209 5.03 -8.46 -21.67
CA PRO A 209 5.02 -8.46 -21.63
C PRO A 209 6.13 -9.07 -20.82
N LEU A 210 5.88 -10.23 -20.24
CA LEU A 210 6.94 -11.00 -19.59
C LEU A 210 7.67 -11.84 -20.64
N GLY A 211 8.84 -11.37 -21.05
CA GLY A 211 9.74 -12.15 -21.88
C GLY A 211 10.50 -13.20 -21.10
N HIS A 212 11.16 -14.09 -21.80
CA HIS A 212 12.05 -15.05 -21.16
C HIS A 212 13.09 -14.34 -20.32
N GLY A 213 13.32 -14.89 -19.13
CA GLY A 213 14.12 -14.18 -18.13
C GLY A 213 13.22 -13.65 -17.03
N THR A 214 13.74 -12.77 -16.21
CA THR A 214 13.08 -12.23 -15.06
C THR A 214 12.80 -10.76 -15.23
N ILE A 215 11.62 -10.33 -14.83
CA ILE A 215 11.37 -8.95 -14.54
C ILE A 215 11.36 -8.82 -13.02
N ALA A 216 12.20 -7.95 -12.48
CA ALA A 216 12.36 -7.84 -11.03
C ALA A 216 12.35 -6.40 -10.61
N PHE A 217 11.92 -6.17 -9.37
CA PHE A 217 12.00 -4.85 -8.77
C PHE A 217 11.88 -5.02 -7.28
N GLY A 218 12.27 -4.01 -6.50
CA GLY A 218 12.31 -4.16 -5.07
C GLY A 218 12.81 -2.89 -4.45
N SER A 219 13.05 -2.97 -3.15
CA SER A 219 13.61 -1.87 -2.38
C SER A 219 14.59 -2.42 -1.34
N ARG A 220 15.76 -1.78 -1.28
CA ARG A 220 16.65 -1.93 -0.12
C ARG A 220 16.86 -0.59 0.57
N ARG A 221 15.86 0.28 0.50
CA ARG A 221 15.89 1.58 1.13
C ARG A 221 15.46 1.61 2.60
N GLY A 222 15.14 0.44 3.17
CA GLY A 222 14.59 0.31 4.49
C GLY A 222 13.11 0.60 4.57
N THR A 223 12.52 0.89 3.41
CA THR A 223 11.14 1.39 3.28
C THR A 223 10.55 0.68 2.04
N SER A 224 9.23 0.66 1.94
CA SER A 224 8.59 0.09 0.76
C SER A 224 8.93 0.87 -0.51
N SER A 225 9.04 2.19 -0.40
CA SER A 225 9.71 3.11 -1.31
C SER A 225 8.80 3.86 -2.29
N HIS A 226 9.31 5.01 -2.75
CA HIS A 226 8.70 5.77 -3.85
C HIS A 226 8.95 5.08 -5.19
N GLN A 227 10.09 4.38 -5.28
CA GLN A 227 10.62 3.94 -6.55
C GLN A 227 9.89 2.75 -7.12
N TYR A 228 9.55 1.81 -6.26
CA TYR A 228 8.77 0.65 -6.68
C TYR A 228 7.86 0.24 -5.57
N ASN A 229 6.55 0.24 -5.82
CA ASN A 229 5.64 -0.16 -4.76
C ASN A 229 5.68 -1.69 -4.63
N PRO A 230 5.45 -2.21 -3.40
CA PRO A 230 5.52 -3.68 -3.18
C PRO A 230 4.18 -4.35 -3.59
N ALA A 231 3.95 -4.33 -4.89
CA ALA A 231 2.68 -4.74 -5.48
C ALA A 231 2.99 -5.19 -6.91
N VAL A 232 2.26 -6.20 -7.38
CA VAL A 232 2.43 -6.64 -8.73
C VAL A 232 1.13 -7.23 -9.26
N ILE A 233 0.85 -7.00 -10.55
CA ILE A 233 -0.24 -7.69 -11.23
C ILE A 233 0.36 -8.49 -12.36
N LEU A 234 0.03 -9.76 -12.38
CA LEU A 234 0.37 -10.62 -13.50
C LEU A 234 -0.91 -10.79 -14.29
N ALA A 235 -0.99 -10.12 -15.44
CA ALA A 235 -2.19 -10.13 -16.27
C ALA A 235 -2.01 -11.04 -17.46
N GLU A 236 -2.93 -11.95 -17.69
CA GLU A 236 -2.83 -12.73 -18.92
C GLU A 236 -2.83 -11.81 -20.12
N LYS A 237 -2.04 -12.13 -21.13
CA LYS A 237 -2.01 -11.34 -22.34
C LYS A 237 -3.44 -11.05 -22.81
N GLY A 238 -3.69 -9.80 -23.13
CA GLY A 238 -5.02 -9.37 -23.59
C GLY A 238 -5.97 -8.91 -22.52
N THR A 239 -5.63 -9.10 -21.25
CA THR A 239 -6.49 -8.63 -20.15
C THR A 239 -6.59 -7.11 -20.15
N THR A 240 -7.80 -6.61 -19.92
CA THR A 240 -8.13 -5.21 -19.94
C THR A 240 -8.69 -4.84 -18.57
N GLU A 241 -9.20 -3.62 -18.47
CA GLU A 241 -9.88 -3.21 -17.23
C GLU A 241 -11.11 -4.04 -16.97
N THR A 242 -11.74 -4.57 -18.03
CA THR A 242 -13.06 -5.18 -17.89
C THR A 242 -13.19 -6.61 -18.35
N ALA A 243 -12.08 -7.23 -18.77
CA ALA A 243 -12.10 -8.64 -19.13
C ALA A 243 -10.76 -9.29 -18.97
N GLY A 244 -10.77 -10.60 -18.73
CA GLY A 244 -9.56 -11.39 -18.75
C GLY A 244 -8.97 -11.69 -17.38
N SER A 245 -8.18 -12.75 -17.32
CA SER A 245 -7.56 -13.21 -16.06
C SER A 245 -6.45 -12.29 -15.62
N CYS A 246 -6.36 -12.07 -14.32
CA CYS A 246 -5.26 -11.34 -13.75
C CYS A 246 -5.13 -11.75 -12.29
N TYR A 247 -3.90 -11.69 -11.82
CA TYR A 247 -3.49 -12.12 -10.50
C TYR A 247 -2.76 -10.96 -9.82
N GLY A 248 -3.10 -10.68 -8.57
CA GLY A 248 -2.35 -9.70 -7.74
C GLY A 248 -1.58 -10.33 -6.61
N MET A 249 -0.45 -9.68 -6.27
CA MET A 249 0.19 -9.91 -5.01
C MET A 249 0.48 -8.55 -4.42
N LEU A 250 0.12 -8.37 -3.15
CA LEU A 250 0.36 -7.12 -2.43
C LEU A 250 1.04 -7.37 -1.10
N PHE A 251 2.18 -6.72 -0.83
CA PHE A 251 2.96 -7.03 0.38
C PHE A 251 2.46 -6.13 1.49
N VAL A 252 2.03 -6.74 2.60
CA VAL A 252 1.53 -6.01 3.75
C VAL A 252 2.72 -5.62 4.63
N TYR A 253 3.53 -4.72 4.09
CA TYR A 253 4.83 -4.47 4.67
C TYR A 253 5.42 -3.18 4.18
N SER A 254 6.11 -2.51 5.11
CA SER A 254 6.57 -1.14 4.93
C SER A 254 8.10 -1.02 4.82
N GLY A 255 8.80 -2.15 4.81
CA GLY A 255 10.23 -2.24 4.66
C GLY A 255 10.65 -2.76 3.28
N ASN A 256 11.80 -3.44 3.27
CA ASN A 256 12.44 -3.90 2.06
C ASN A 256 11.66 -5.04 1.47
N PHE A 257 11.77 -5.20 0.16
CA PHE A 257 11.08 -6.27 -0.54
C PHE A 257 11.77 -6.58 -1.84
N SER A 258 11.38 -7.71 -2.40
CA SER A 258 11.75 -8.09 -3.77
CA SER A 258 11.68 -7.95 -3.81
C SER A 258 10.55 -8.74 -4.46
N CYS A 259 10.34 -8.41 -5.73
CA CYS A 259 9.34 -9.06 -6.56
C CYS A 259 10.08 -9.59 -7.79
N GLU A 260 9.83 -10.85 -8.12
CA GLU A 260 10.46 -11.45 -9.30
C GLU A 260 9.38 -12.19 -10.09
N ALA A 261 9.32 -11.93 -11.39
CA ALA A 261 8.44 -12.67 -12.31
C ALA A 261 9.34 -13.23 -13.41
N GLU A 262 9.27 -14.54 -13.65
CA GLU A 262 10.20 -15.19 -14.53
C GLU A 262 9.47 -16.14 -15.49
N LYS A 263 9.78 -16.04 -16.79
CA LYS A 263 9.27 -16.97 -17.79
CA LYS A 263 9.29 -16.96 -17.81
C LYS A 263 10.46 -17.89 -18.13
N ASP A 264 10.28 -19.19 -17.89
CA ASP A 264 11.38 -20.14 -17.92
C ASP A 264 11.54 -20.91 -19.23
N GLN A 265 12.49 -21.83 -19.20
CA GLN A 265 12.89 -22.64 -20.34
C GLN A 265 11.80 -23.52 -20.92
N PHE A 266 10.77 -23.82 -20.14
CA PHE A 266 9.65 -24.63 -20.54
C PHE A 266 8.36 -23.80 -20.69
N ASN A 267 8.53 -22.48 -20.84
CA ASN A 267 7.42 -21.53 -21.03
C ASN A 267 6.49 -21.47 -19.84
N GLN A 268 7.04 -21.80 -18.65
CA GLN A 268 6.31 -21.66 -17.37
C GLN A 268 6.62 -20.31 -16.75
N THR A 269 5.73 -19.85 -15.87
CA THR A 269 5.90 -18.57 -15.18
C THR A 269 5.92 -18.75 -13.68
N ARG A 270 6.90 -18.13 -13.04
CA ARG A 270 6.97 -18.10 -11.60
C ARG A 270 6.95 -16.66 -11.11
N LEU A 271 6.04 -16.36 -10.18
CA LEU A 271 5.89 -15.05 -9.58
C LEU A 271 6.16 -15.16 -8.09
N LEU A 272 7.09 -14.34 -7.61
CA LEU A 272 7.47 -14.27 -6.21
C LEU A 272 7.34 -12.88 -5.66
N LEU A 273 6.92 -12.77 -4.39
CA LEU A 273 6.92 -11.49 -3.65
C LEU A 273 7.23 -11.77 -2.21
N GLY A 274 8.12 -10.97 -1.64
CA GLY A 274 8.45 -11.07 -0.24
C GLY A 274 9.63 -10.20 0.12
N LEU A 275 10.36 -10.59 1.14
CA LEU A 275 11.45 -9.80 1.64
C LEU A 275 12.57 -9.72 0.63
N ASN A 276 13.34 -8.65 0.67
CA ASN A 276 14.54 -8.57 -0.17
C ASN A 276 15.59 -9.51 0.39
N GLU A 277 16.33 -10.18 -0.49
CA GLU A 277 17.45 -10.98 -0.02
CA GLU A 277 17.50 -10.99 -0.15
C GLU A 277 18.69 -10.09 0.26
N GLU A 278 18.71 -8.88 -0.30
CA GLU A 278 19.81 -7.94 -0.06
CA GLU A 278 19.80 -7.94 -0.05
C GLU A 278 19.69 -7.35 1.35
N LEU A 279 20.83 -7.22 2.02
CA LEU A 279 20.89 -6.71 3.41
C LEU A 279 19.94 -7.48 4.33
N PHE A 280 19.85 -8.78 4.09
CA PHE A 280 18.98 -9.66 4.83
C PHE A 280 19.69 -10.98 5.06
N SER A 281 20.27 -11.12 6.25
CA SER A 281 20.95 -12.33 6.68
CA SER A 281 20.93 -12.34 6.68
C SER A 281 20.53 -12.46 8.14
N TYR A 282 19.36 -13.04 8.35
CA TYR A 282 18.68 -12.86 9.62
C TYR A 282 18.99 -14.02 10.56
N PRO A 283 19.62 -13.71 11.69
CA PRO A 283 20.06 -14.82 12.56
C PRO A 283 18.90 -15.43 13.33
N LEU A 284 18.91 -16.75 13.44
CA LEU A 284 17.87 -17.44 14.17
C LEU A 284 18.54 -18.47 15.07
N ALA A 285 18.45 -18.25 16.37
CA ALA A 285 19.03 -19.16 17.33
C ALA A 285 18.18 -20.41 17.44
N SER A 286 18.77 -21.44 18.04
CA SER A 286 18.10 -22.68 18.32
C SER A 286 16.72 -22.46 18.91
N GLY A 287 15.70 -23.04 18.27
CA GLY A 287 14.34 -22.99 18.78
C GLY A 287 13.57 -21.73 18.49
N GLU A 288 14.19 -20.73 17.86
CA GLU A 288 13.54 -19.45 17.58
CA GLU A 288 13.47 -19.49 17.60
C GLU A 288 12.81 -19.49 16.23
N THR A 289 11.81 -18.62 16.10
CA THR A 289 10.95 -18.51 14.91
C THR A 289 11.04 -17.09 14.37
N PHE A 290 11.03 -17.03 13.04
CA PHE A 290 10.98 -15.78 12.27
C PHE A 290 9.71 -15.74 11.43
N THR A 291 9.09 -14.58 11.37
CA THR A 291 7.87 -14.42 10.62
C THR A 291 8.07 -13.56 9.38
N VAL A 292 7.71 -14.09 8.22
CA VAL A 292 7.74 -13.34 6.98
C VAL A 292 6.45 -12.52 6.89
N PRO A 293 6.54 -11.25 6.52
CA PRO A 293 5.31 -10.46 6.40
C PRO A 293 4.37 -11.04 5.32
N GLU A 294 3.10 -10.68 5.44
CA GLU A 294 2.02 -11.25 4.64
C GLU A 294 1.95 -10.66 3.25
N VAL A 295 1.55 -11.51 2.29
CA VAL A 295 1.12 -11.11 0.94
C VAL A 295 -0.37 -11.39 0.78
N ILE A 296 -1.10 -10.42 0.25
CA ILE A 296 -2.50 -10.59 -0.12
C ILE A 296 -2.56 -10.91 -1.60
N LEU A 297 -3.04 -12.12 -1.91
CA LEU A 297 -3.28 -12.55 -3.29
C LEU A 297 -4.75 -12.40 -3.63
N SER A 298 -5.01 -12.13 -4.91
CA SER A 298 -6.35 -12.13 -5.40
C SER A 298 -6.33 -12.47 -6.88
N TYR A 299 -7.45 -12.91 -7.40
CA TYR A 299 -7.61 -13.30 -8.81
C TYR A 299 -8.91 -12.69 -9.30
N SER A 300 -8.90 -12.21 -10.54
CA SER A 300 -10.09 -11.81 -11.24
C SER A 300 -10.11 -12.46 -12.61
N ALA A 301 -11.28 -12.99 -12.99
CA ALA A 301 -11.48 -13.53 -14.31
C ALA A 301 -12.01 -12.45 -15.23
N GLU A 302 -12.38 -11.31 -14.69
CA GLU A 302 -13.07 -10.29 -15.47
CA GLU A 302 -13.11 -10.27 -15.37
C GLU A 302 -12.37 -8.94 -15.41
N GLY A 303 -11.05 -8.98 -15.50
CA GLY A 303 -10.29 -7.75 -15.67
C GLY A 303 -9.74 -7.07 -14.44
N LEU A 304 -8.96 -6.04 -14.70
CA LEU A 304 -8.20 -5.33 -13.67
C LEU A 304 -9.07 -4.56 -12.73
N SER A 305 -10.21 -4.03 -13.20
CA SER A 305 -11.04 -3.21 -12.32
C SER A 305 -11.63 -4.01 -11.17
N ALA A 306 -12.08 -5.22 -11.47
CA ALA A 306 -12.60 -6.12 -10.41
C ALA A 306 -11.47 -6.51 -9.43
N LEU A 307 -10.28 -6.79 -9.94
CA LEU A 307 -9.15 -7.13 -9.08
C LEU A 307 -8.90 -5.98 -8.10
N SER A 308 -8.86 -4.74 -8.60
CA SER A 308 -8.62 -3.58 -7.72
C SER A 308 -9.72 -3.46 -6.68
N GLN A 309 -10.96 -3.65 -7.09
CA GLN A 309 -12.09 -3.54 -6.17
C GLN A 309 -12.00 -4.56 -5.04
N GLN A 310 -11.52 -5.74 -5.35
CA GLN A 310 -11.30 -6.76 -4.34
C GLN A 310 -10.26 -6.31 -3.32
N TYR A 311 -9.17 -5.69 -3.81
CA TYR A 311 -8.19 -5.13 -2.91
C TYR A 311 -8.73 -3.97 -2.11
N HIS A 312 -9.47 -3.07 -2.75
CA HIS A 312 -10.02 -1.94 -2.00
C HIS A 312 -10.87 -2.39 -0.83
N ASN A 313 -11.73 -3.36 -1.10
CA ASN A 313 -12.59 -3.86 -0.04
CA ASN A 313 -12.62 -3.92 -0.07
C ASN A 313 -11.83 -4.57 1.06
N CYS A 314 -10.83 -5.36 0.69
CA CYS A 314 -10.02 -6.06 1.66
C CYS A 314 -9.30 -5.05 2.55
N ILE A 315 -8.71 -4.04 1.94
CA ILE A 315 -7.97 -3.03 2.73
C ILE A 315 -8.87 -2.24 3.65
N ARG A 316 -10.00 -1.74 3.13
CA ARG A 316 -10.91 -0.94 3.95
C ARG A 316 -11.51 -1.71 5.11
N ASN A 317 -11.88 -2.98 4.86
CA ASN A 317 -12.66 -3.75 5.82
C ASN A 317 -11.90 -4.83 6.57
N HIS A 318 -10.67 -5.10 6.16
CA HIS A 318 -9.90 -6.18 6.76
C HIS A 318 -8.42 -5.87 6.96
N VAL A 319 -8.02 -4.61 6.71
CA VAL A 319 -6.66 -4.18 7.04
C VAL A 319 -6.72 -2.95 7.95
N CYS A 320 -7.29 -1.86 7.45
CA CYS A 320 -7.40 -0.63 8.24
CA CYS A 320 -7.33 -0.65 8.27
C CYS A 320 -8.16 -0.86 9.54
N ARG A 321 -7.58 -0.54 10.68
CA ARG A 321 -8.29 -0.68 11.96
CA ARG A 321 -8.25 -0.70 11.98
C ARG A 321 -8.84 0.62 12.51
N SER A 322 -8.55 1.72 11.84
CA SER A 322 -9.01 3.03 12.31
C SER A 322 -10.51 3.17 12.32
N LYS A 323 -11.04 3.80 13.38
CA LYS A 323 -12.45 4.11 13.41
C LYS A 323 -12.92 5.00 12.24
N TYR A 324 -11.99 5.75 11.65
CA TYR A 324 -12.31 6.68 10.58
C TYR A 324 -12.62 6.05 9.23
N VAL A 325 -12.49 4.73 9.14
CA VAL A 325 -12.98 4.02 7.96
C VAL A 325 -14.49 4.21 7.78
N HIS A 326 -15.22 4.33 8.89
CA HIS A 326 -16.68 4.39 8.88
C HIS A 326 -17.23 5.68 9.47
N MET A 327 -16.45 6.75 9.39
CA MET A 327 -16.82 8.03 9.96
C MET A 327 -16.37 9.11 9.01
N GLN A 328 -17.08 10.24 9.07
CA GLN A 328 -16.66 11.48 8.44
CA GLN A 328 -16.62 11.46 8.41
C GLN A 328 -15.24 11.83 8.94
N ARG A 329 -14.39 12.30 8.05
CA ARG A 329 -13.05 12.73 8.44
CA ARG A 329 -13.07 12.74 8.44
C ARG A 329 -12.98 14.26 8.29
N PRO A 330 -12.47 14.95 9.32
CA PRO A 330 -12.41 16.43 9.24
C PRO A 330 -11.68 16.92 8.02
N VAL A 331 -12.26 17.90 7.33
CA VAL A 331 -11.56 18.54 6.22
C VAL A 331 -10.51 19.46 6.81
N LEU A 332 -9.27 19.21 6.44
CA LEU A 332 -8.16 19.89 7.10
C LEU A 332 -7.46 20.87 6.15
N ILE A 333 -6.76 21.82 6.76
CA ILE A 333 -5.79 22.66 6.08
C ILE A 333 -4.41 22.46 6.73
N ASN A 334 -3.40 22.24 5.91
CA ASN A 334 -2.07 21.90 6.35
C ASN A 334 -1.11 23.08 6.08
N SER A 335 -0.29 23.40 7.09
CA SER A 335 0.57 24.57 7.03
C SER A 335 1.80 24.47 6.15
N TRP A 336 2.11 23.29 5.63
CA TRP A 336 3.40 23.11 4.97
C TRP A 336 3.58 23.92 3.70
N GLU A 337 2.83 23.64 2.63
CA GLU A 337 2.99 24.53 1.48
C GLU A 337 2.54 25.96 1.79
N ALA A 338 1.68 26.10 2.80
CA ALA A 338 1.11 27.41 3.10
C ALA A 338 2.18 28.34 3.68
N ALA A 339 3.06 27.82 4.52
CA ALA A 339 4.01 28.64 5.28
C ALA A 339 5.44 28.07 5.37
N TYR A 340 5.59 26.80 5.01
CA TYR A 340 6.86 26.09 5.20
C TYR A 340 7.30 26.28 6.67
N PHE A 341 8.52 26.75 6.91
CA PHE A 341 9.01 26.97 8.28
C PHE A 341 8.72 28.34 8.84
N ASP A 342 8.20 29.22 7.99
CA ASP A 342 7.99 30.64 8.33
C ASP A 342 6.58 30.88 8.86
N PHE A 343 6.39 30.55 10.14
CA PHE A 343 5.13 30.75 10.84
C PHE A 343 5.41 31.04 12.31
N THR A 344 4.39 31.57 12.95
CA THR A 344 4.35 31.73 14.39
C THR A 344 3.05 31.14 14.91
N GLY A 345 2.86 31.12 16.22
CA GLY A 345 1.58 30.73 16.78
C GLY A 345 0.48 31.61 16.23
N ASP A 346 0.75 32.91 16.16
CA ASP A 346 -0.25 33.86 15.64
C ASP A 346 -0.65 33.55 14.21
N THR A 347 0.30 33.16 13.36
CA THR A 347 -0.06 32.90 11.98
C THR A 347 -0.77 31.53 11.81
N ILE A 348 -0.51 30.57 12.71
CA ILE A 348 -1.34 29.36 12.79
C ILE A 348 -2.81 29.68 13.19
N VAL A 349 -2.99 30.55 14.19
CA VAL A 349 -4.33 30.97 14.56
C VAL A 349 -5.01 31.75 13.41
N ASP A 350 -4.26 32.57 12.68
CA ASP A 350 -4.83 33.28 11.50
C ASP A 350 -5.29 32.30 10.46
N LEU A 351 -4.48 31.27 10.22
CA LEU A 351 -4.86 30.19 9.32
C LEU A 351 -6.14 29.49 9.77
N ALA A 352 -6.26 29.24 11.08
CA ALA A 352 -7.48 28.69 11.67
C ALA A 352 -8.71 29.58 11.43
N LYS A 353 -8.53 30.89 11.62
CA LYS A 353 -9.59 31.89 11.41
CA LYS A 353 -9.61 31.85 11.43
C LYS A 353 -10.06 31.90 9.97
N GLU A 354 -9.09 31.94 9.06
CA GLU A 354 -9.35 31.93 7.63
CA GLU A 354 -9.35 31.97 7.64
C GLU A 354 -10.07 30.68 7.24
N ALA A 355 -9.55 29.54 7.70
CA ALA A 355 -10.11 28.27 7.36
C ALA A 355 -11.51 28.06 7.94
N ALA A 356 -11.72 28.49 9.17
CA ALA A 356 -13.04 28.39 9.79
C ALA A 356 -14.14 29.12 8.99
N SER A 357 -13.80 30.28 8.43
CA SER A 357 -14.77 31.05 7.68
C SER A 357 -15.16 30.40 6.35
N LEU A 358 -14.41 29.38 5.94
CA LEU A 358 -14.65 28.69 4.68
C LEU A 358 -15.29 27.32 4.83
N GLY A 359 -15.45 26.85 6.05
CA GLY A 359 -16.01 25.54 6.33
C GLY A 359 -14.99 24.41 6.54
N ILE A 360 -13.71 24.76 6.65
CA ILE A 360 -12.65 23.80 6.96
C ILE A 360 -12.79 23.43 8.43
N ASP A 361 -12.49 22.19 8.77
CA ASP A 361 -12.72 21.65 10.11
C ASP A 361 -11.48 21.62 11.04
N MET A 362 -10.29 21.61 10.45
CA MET A 362 -9.06 21.31 11.20
CA MET A 362 -9.06 21.32 11.20
C MET A 362 -7.87 22.06 10.60
N VAL A 363 -6.98 22.55 11.49
CA VAL A 363 -5.67 23.04 11.04
CA VAL A 363 -5.67 23.06 11.07
C VAL A 363 -4.59 22.07 11.51
N VAL A 364 -3.68 21.72 10.59
CA VAL A 364 -2.52 20.85 10.87
C VAL A 364 -1.26 21.71 10.85
N MET A 365 -0.63 21.79 12.02
CA MET A 365 0.66 22.46 12.13
C MET A 365 1.69 21.42 11.71
N ASP A 366 2.28 21.65 10.54
CA ASP A 366 3.24 20.73 9.93
C ASP A 366 4.64 20.98 10.50
N ASP A 367 5.69 20.63 9.77
CA ASP A 367 7.08 20.71 10.26
C ASP A 367 7.42 22.15 10.66
N GLY A 368 8.25 22.30 11.70
CA GLY A 368 8.77 23.61 12.09
C GLY A 368 8.42 24.10 13.48
N TRP A 369 7.77 23.26 14.28
CA TRP A 369 7.23 23.69 15.57
C TRP A 369 8.05 23.33 16.81
N PHE A 370 9.11 22.52 16.62
CA PHE A 370 9.85 21.87 17.71
C PHE A 370 11.31 22.33 17.68
N GLY A 371 12.01 22.11 18.79
CA GLY A 371 13.44 22.44 18.86
C GLY A 371 13.69 23.87 18.42
N LYS A 372 14.63 24.03 17.50
CA LYS A 372 14.88 25.29 16.81
CA LYS A 372 14.87 25.29 16.81
C LYS A 372 14.76 25.03 15.31
N ARG A 373 13.73 24.28 14.94
CA ARG A 373 13.46 23.87 13.57
C ARG A 373 12.93 25.04 12.76
N ASN A 374 13.84 25.90 12.31
CA ASN A 374 13.47 27.01 11.43
C ASN A 374 13.87 26.76 9.98
N ASP A 375 14.48 25.60 9.77
CA ASP A 375 14.74 25.04 8.46
C ASP A 375 14.93 23.52 8.65
N ASP A 376 15.26 22.82 7.58
CA ASP A 376 15.43 21.38 7.68
C ASP A 376 16.85 20.93 7.96
N ASN A 377 17.60 21.75 8.70
CA ASN A 377 18.99 21.41 9.02
C ASN A 377 19.26 21.13 10.49
N SER A 378 18.22 21.13 11.32
CA SER A 378 18.40 20.89 12.75
C SER A 378 17.16 20.30 13.38
N SER A 379 17.36 19.76 14.57
CA SER A 379 16.30 19.60 15.60
C SER A 379 15.52 18.30 15.58
N LEU A 380 15.62 17.48 14.52
CA LEU A 380 14.94 16.18 14.60
C LEU A 380 15.56 15.39 15.76
N GLY A 381 14.69 14.88 16.63
CA GLY A 381 15.09 14.25 17.86
C GLY A 381 14.83 15.10 19.09
N ASP A 382 14.62 16.40 18.85
CA ASP A 382 14.38 17.40 19.91
C ASP A 382 12.90 17.80 19.84
N TRP A 383 12.04 16.89 20.31
CA TRP A 383 10.59 17.04 20.18
C TRP A 383 10.01 17.82 21.36
N GLN A 384 10.65 18.95 21.63
CA GLN A 384 10.16 19.93 22.60
C GLN A 384 9.59 21.10 21.84
N VAL A 385 8.43 21.57 22.29
CA VAL A 385 7.77 22.67 21.63
C VAL A 385 8.64 23.91 21.65
N ASN A 386 8.77 24.58 20.51
CA ASN A 386 9.46 25.88 20.40
C ASN A 386 8.46 26.95 20.81
N GLU A 387 8.43 27.25 22.10
CA GLU A 387 7.46 28.22 22.61
C GLU A 387 7.76 29.66 22.22
N THR A 388 9.01 29.97 21.90
CA THR A 388 9.34 31.26 21.34
C THR A 388 8.60 31.45 20.01
N LYS A 389 8.78 30.48 19.13
CA LYS A 389 8.14 30.56 17.82
C LYS A 389 6.62 30.56 17.90
N LEU A 390 6.07 29.73 18.80
CA LEU A 390 4.62 29.59 18.92
C LEU A 390 4.00 30.71 19.77
N GLY A 391 4.87 31.55 20.35
CA GLY A 391 4.43 32.69 21.16
C GLY A 391 3.70 32.29 22.44
N GLY A 392 4.07 31.14 22.96
CA GLY A 392 3.39 30.55 24.09
C GLY A 392 3.44 29.03 23.99
N SER A 393 2.69 28.39 24.87
CA SER A 393 2.72 26.95 24.93
C SER A 393 1.87 26.34 23.82
N LEU A 394 2.13 25.06 23.56
CA LEU A 394 1.28 24.30 22.64
C LEU A 394 -0.13 24.16 23.18
N ALA A 395 -0.28 23.94 24.49
CA ALA A 395 -1.62 23.89 25.08
C ALA A 395 -2.42 25.16 24.77
N GLU A 396 -1.78 26.31 24.89
CA GLU A 396 -2.45 27.59 24.65
C GLU A 396 -2.82 27.73 23.17
N LEU A 397 -1.89 27.32 22.29
CA LEU A 397 -2.14 27.38 20.85
C LEU A 397 -3.36 26.52 20.46
N ILE A 398 -3.40 25.29 20.95
CA ILE A 398 -4.53 24.40 20.68
C ILE A 398 -5.85 25.05 21.10
N THR A 399 -5.86 25.63 22.30
CA THR A 399 -7.06 26.31 22.81
C THR A 399 -7.44 27.48 21.93
N ARG A 400 -6.46 28.30 21.52
CA ARG A 400 -6.75 29.41 20.61
C ARG A 400 -7.38 28.92 19.30
N VAL A 401 -6.88 27.80 18.78
CA VAL A 401 -7.44 27.22 17.56
C VAL A 401 -8.85 26.69 17.82
N HIS A 402 -9.06 26.00 18.95
CA HIS A 402 -10.37 25.49 19.33
CA HIS A 402 -10.38 25.49 19.34
C HIS A 402 -11.39 26.64 19.43
N GLU A 403 -10.93 27.79 19.89
CA GLU A 403 -11.76 28.99 20.05
C GLU A 403 -12.23 29.58 18.72
N GLN A 404 -11.50 29.27 17.66
CA GLN A 404 -11.92 29.56 16.28
C GLN A 404 -12.83 28.48 15.68
N GLY A 405 -13.22 27.49 16.47
CA GLY A 405 -14.07 26.41 16.05
C GLY A 405 -13.33 25.34 15.30
N MET A 406 -12.02 25.21 15.52
CA MET A 406 -11.20 24.33 14.67
C MET A 406 -10.52 23.24 15.50
N LYS A 407 -10.43 22.05 14.92
CA LYS A 407 -9.64 20.94 15.46
C LYS A 407 -8.16 21.19 15.09
N PHE A 408 -7.29 20.45 15.76
CA PHE A 408 -5.85 20.63 15.66
C PHE A 408 -5.17 19.32 15.33
N GLY A 409 -4.23 19.40 14.41
CA GLY A 409 -3.34 18.29 14.09
C GLY A 409 -1.89 18.71 14.08
N ILE A 410 -0.97 17.73 14.11
CA ILE A 410 0.44 18.04 14.23
C ILE A 410 1.27 17.01 13.48
N TRP A 411 2.43 17.45 12.99
CA TRP A 411 3.39 16.63 12.28
C TRP A 411 4.51 16.17 13.18
N ILE A 412 4.93 14.92 13.00
CA ILE A 412 6.07 14.35 13.70
C ILE A 412 6.93 13.55 12.71
N GLU A 413 8.18 13.30 13.08
CA GLU A 413 9.10 12.49 12.26
C GLU A 413 10.00 11.69 13.22
N PRO A 414 9.40 10.76 13.99
CA PRO A 414 10.09 10.17 15.15
C PRO A 414 11.30 9.30 14.84
N GLU A 415 11.43 8.81 13.61
CA GLU A 415 12.50 7.89 13.28
C GLU A 415 13.83 8.58 13.00
N MET A 416 13.90 9.91 13.09
CA MET A 416 15.03 10.66 12.51
C MET A 416 15.75 11.58 13.50
N ILE A 417 16.99 11.91 13.15
CA ILE A 417 17.82 12.77 13.97
C ILE A 417 18.71 13.64 13.09
N ASN A 418 18.91 14.89 13.48
CA ASN A 418 19.89 15.76 12.82
C ASN A 418 21.13 15.81 13.68
N GLU A 419 22.30 15.86 13.06
CA GLU A 419 23.52 16.09 13.86
C GLU A 419 23.38 17.33 14.75
N ASP A 420 22.79 18.38 14.19
CA ASP A 420 22.50 19.57 14.98
C ASP A 420 21.22 19.39 15.77
N SER A 421 21.33 18.66 16.88
CA SER A 421 20.24 18.47 17.82
C SER A 421 20.84 18.18 19.19
N ASP A 422 20.11 18.48 20.24
CA ASP A 422 20.50 18.09 21.55
C ASP A 422 20.59 16.59 21.67
N LEU A 423 19.65 15.90 21.01
CA LEU A 423 19.66 14.43 21.12
C LEU A 423 20.95 13.83 20.54
N TYR A 424 21.41 14.36 19.41
CA TYR A 424 22.60 13.83 18.76
C TYR A 424 23.87 14.19 19.54
N ARG A 425 23.89 15.38 20.12
CA ARG A 425 25.01 15.76 20.96
C ARG A 425 25.13 14.87 22.17
N ALA A 426 23.99 14.41 22.69
CA ALA A 426 23.93 13.48 23.82
C ALA A 426 24.15 12.01 23.44
N HIS A 427 23.65 11.59 22.27
CA HIS A 427 23.63 10.19 21.90
C HIS A 427 23.95 10.00 20.41
N PRO A 428 25.17 10.34 19.99
CA PRO A 428 25.49 10.16 18.55
C PRO A 428 25.44 8.71 18.08
N ASP A 429 25.61 7.77 19.01
CA ASP A 429 25.58 6.35 18.69
C ASP A 429 24.17 5.82 18.48
N TRP A 430 23.15 6.66 18.70
CA TRP A 430 21.76 6.24 18.46
C TRP A 430 21.41 6.30 16.97
N ALA A 431 22.20 7.03 16.17
CA ALA A 431 21.99 7.06 14.72
C ALA A 431 22.48 5.76 14.11
N ILE A 432 21.77 5.28 13.09
CA ILE A 432 22.25 4.16 12.30
C ILE A 432 23.52 4.57 11.56
N ARG A 433 24.59 3.84 11.82
CA ARG A 433 25.90 4.15 11.27
C ARG A 433 26.76 2.90 11.40
N ILE A 434 27.87 2.90 10.66
CA ILE A 434 28.87 1.85 10.72
C ILE A 434 30.08 2.43 11.45
N GLN A 435 30.58 1.70 12.44
CA GLN A 435 31.70 2.21 13.25
CA GLN A 435 31.67 2.25 13.25
C GLN A 435 32.88 2.55 12.36
N GLY A 436 33.44 3.75 12.55
CA GLY A 436 34.59 4.19 11.79
C GLY A 436 34.29 4.82 10.45
N LYS A 437 33.01 4.81 10.03
CA LYS A 437 32.63 5.27 8.71
C LYS A 437 31.72 6.47 8.79
N LYS A 438 32.03 7.54 8.04
CA LYS A 438 31.14 8.70 8.03
CA LYS A 438 31.17 8.72 8.00
C LYS A 438 29.90 8.36 7.23
N PRO A 439 28.71 8.66 7.80
CA PRO A 439 27.49 8.14 7.18
C PRO A 439 26.95 8.99 6.02
N VAL A 440 26.17 8.34 5.15
CA VAL A 440 25.40 9.08 4.18
C VAL A 440 24.43 10.02 4.89
N ARG A 441 24.31 11.24 4.38
CA ARG A 441 23.33 12.20 4.87
C ARG A 441 22.29 12.39 3.77
N SER A 442 21.03 12.55 4.15
CA SER A 442 19.99 12.81 3.19
C SER A 442 19.00 13.76 3.85
N ARG A 443 18.69 14.87 3.19
CA ARG A 443 18.03 16.01 3.84
C ARG A 443 18.80 16.43 5.09
N ASN A 444 20.12 16.25 5.06
CA ASN A 444 20.98 16.63 6.20
C ASN A 444 20.56 16.00 7.52
N GLN A 445 20.04 14.77 7.44
CA GLN A 445 19.63 14.05 8.63
C GLN A 445 20.05 12.59 8.54
N LEU A 446 19.90 11.89 9.65
CA LEU A 446 20.26 10.48 9.80
C LEU A 446 19.06 9.71 10.36
N LEU A 447 19.03 8.39 10.15
CA LEU A 447 18.02 7.56 10.84
C LEU A 447 18.45 7.27 12.26
N LEU A 448 17.49 7.27 13.17
CA LEU A 448 17.65 6.67 14.48
C LEU A 448 17.53 5.16 14.37
N ASP A 449 18.30 4.46 15.20
CA ASP A 449 18.22 3.02 15.17
C ASP A 449 16.99 2.53 15.95
N PHE A 450 15.89 2.43 15.21
CA PHE A 450 14.63 1.95 15.77
C PHE A 450 14.61 0.46 16.08
N SER A 451 15.68 -0.28 15.77
CA SER A 451 15.80 -1.63 16.30
C SER A 451 16.09 -1.65 17.80
N ARG A 452 16.45 -0.50 18.39
CA ARG A 452 16.81 -0.41 19.77
C ARG A 452 15.70 0.16 20.63
N LYS A 453 15.22 -0.64 21.58
CA LYS A 453 14.15 -0.19 22.49
C LYS A 453 14.47 1.12 23.19
N GLU A 454 15.70 1.31 23.67
CA GLU A 454 16.05 2.50 24.42
CA GLU A 454 15.99 2.51 24.45
C GLU A 454 15.87 3.75 23.57
N VAL A 455 16.16 3.63 22.27
CA VAL A 455 16.05 4.73 21.35
C VAL A 455 14.58 5.06 21.15
N ARG A 456 13.79 4.05 20.82
CA ARG A 456 12.35 4.21 20.62
C ARG A 456 11.66 4.78 21.85
N ASP A 457 12.00 4.27 23.03
CA ASP A 457 11.38 4.73 24.26
C ASP A 457 11.61 6.23 24.50
N CYS A 458 12.81 6.70 24.24
CA CYS A 458 13.12 8.10 24.44
C CYS A 458 12.23 8.95 23.57
N VAL A 459 12.14 8.60 22.29
CA VAL A 459 11.36 9.38 21.37
C VAL A 459 9.84 9.25 21.63
N PHE A 460 9.41 8.07 22.00
CA PHE A 460 8.00 7.83 22.28
C PHE A 460 7.56 8.69 23.46
N ASP A 461 8.38 8.72 24.52
CA ASP A 461 8.07 9.55 25.68
C ASP A 461 7.95 11.03 25.30
N GLN A 462 8.85 11.54 24.46
CA GLN A 462 8.81 12.94 24.05
C GLN A 462 7.53 13.23 23.30
N ILE A 463 7.15 12.33 22.38
CA ILE A 463 5.94 12.54 21.58
C ILE A 463 4.70 12.50 22.48
N CYS A 464 4.67 11.59 23.44
CA CYS A 464 3.55 11.53 24.40
C CYS A 464 3.38 12.85 25.16
N VAL A 465 4.48 13.45 25.59
CA VAL A 465 4.41 14.75 26.29
C VAL A 465 3.73 15.76 25.40
N VAL A 466 4.12 15.82 24.13
CA VAL A 466 3.51 16.74 23.20
C VAL A 466 2.01 16.46 22.99
N LEU A 467 1.67 15.19 22.70
CA LEU A 467 0.28 14.85 22.42
C LEU A 467 -0.61 15.01 23.65
N ASP A 468 -0.04 14.95 24.82
CA ASP A 468 -0.79 15.12 26.07
C ASP A 468 -1.04 16.57 26.45
N GLN A 469 -0.54 17.53 25.67
CA GLN A 469 -0.76 18.95 25.98
C GLN A 469 -2.16 19.44 25.66
N GLY A 470 -2.92 18.72 24.84
CA GLY A 470 -4.24 19.18 24.48
C GLY A 470 -4.92 18.16 23.60
N LYS A 471 -6.08 18.52 23.11
CA LYS A 471 -6.86 17.67 22.23
C LYS A 471 -6.32 17.76 20.81
N ILE A 472 -5.49 16.79 20.46
CA ILE A 472 -4.93 16.72 19.12
C ILE A 472 -5.61 15.55 18.44
N ASP A 473 -6.42 15.85 17.43
CA ASP A 473 -7.24 14.84 16.80
C ASP A 473 -6.55 14.10 15.64
N TYR A 474 -5.35 14.56 15.28
CA TYR A 474 -4.71 14.12 14.04
C TYR A 474 -3.22 14.27 14.19
N VAL A 475 -2.50 13.26 13.73
CA VAL A 475 -1.04 13.30 13.65
C VAL A 475 -0.66 12.83 12.24
N LYS A 476 0.25 13.58 11.64
CA LYS A 476 0.91 13.20 10.39
C LYS A 476 2.31 12.73 10.74
N TRP A 477 2.56 11.44 10.53
CA TRP A 477 3.83 10.85 10.88
C TRP A 477 4.64 10.69 9.59
N ASP A 478 5.67 11.52 9.45
CA ASP A 478 6.52 11.59 8.26
C ASP A 478 7.83 10.85 8.48
N MET A 479 8.61 10.74 7.41
CA MET A 479 9.83 9.93 7.36
C MET A 479 10.54 10.33 6.06
N ASN A 480 11.60 11.16 6.16
CA ASN A 480 12.09 11.87 4.99
C ASN A 480 13.43 11.46 4.40
N ARG A 481 13.88 10.24 4.65
CA ARG A 481 15.02 9.72 3.89
C ARG A 481 15.07 8.20 3.96
N SER A 482 15.86 7.60 3.04
CA SER A 482 16.09 6.19 3.01
C SER A 482 17.20 5.76 3.95
N MET A 483 17.14 4.49 4.36
CA MET A 483 18.15 3.90 5.24
C MET A 483 19.46 3.63 4.49
N ALA A 484 20.58 4.04 5.06
CA ALA A 484 21.91 3.67 4.57
C ALA A 484 22.81 3.28 5.74
N ASP A 485 24.07 3.00 5.45
CA ASP A 485 25.03 2.58 6.50
C ASP A 485 24.49 1.42 7.31
N VAL A 486 23.90 0.44 6.61
CA VAL A 486 23.29 -0.70 7.27
C VAL A 486 24.38 -1.59 7.83
N TYR A 487 24.38 -1.78 9.14
CA TYR A 487 25.55 -2.34 9.83
C TYR A 487 25.51 -3.85 10.10
N ALA A 488 24.35 -4.49 9.88
CA ALA A 488 24.18 -5.90 10.16
C ALA A 488 22.98 -6.42 9.40
N GLY A 489 22.94 -7.74 9.24
CA GLY A 489 21.95 -8.41 8.40
C GLY A 489 20.57 -8.57 9.01
N ASN A 490 20.40 -8.19 10.27
CA ASN A 490 19.10 -8.20 10.95
C ASN A 490 18.46 -6.81 10.98
N LEU A 491 19.23 -5.78 10.62
CA LEU A 491 18.81 -4.40 10.90
C LEU A 491 17.59 -3.97 10.11
N SER A 492 17.57 -4.24 8.81
CA SER A 492 16.44 -3.77 8.02
C SER A 492 15.14 -4.32 8.60
N TYR A 493 15.12 -5.60 8.93
CA TYR A 493 13.89 -6.20 9.45
C TYR A 493 13.56 -5.69 10.87
N ASP A 494 14.55 -5.66 11.76
CA ASP A 494 14.29 -5.32 13.16
C ASP A 494 13.94 -3.83 13.28
N TYR A 495 14.51 -2.99 12.42
CA TYR A 495 14.16 -1.56 12.36
C TYR A 495 12.65 -1.43 12.15
N VAL A 496 12.12 -2.14 11.16
CA VAL A 496 10.71 -2.05 10.87
C VAL A 496 9.85 -2.65 11.97
N LEU A 497 10.29 -3.74 12.60
CA LEU A 497 9.58 -4.19 13.80
C LEU A 497 9.48 -3.08 14.83
N GLY A 498 10.56 -2.33 14.98
CA GLY A 498 10.56 -1.21 15.93
C GLY A 498 9.59 -0.09 15.54
N VAL A 499 9.55 0.26 14.26
CA VAL A 499 8.57 1.21 13.76
C VAL A 499 7.16 0.77 14.07
N TYR A 500 6.83 -0.48 13.76
CA TYR A 500 5.49 -0.99 14.00
C TYR A 500 5.17 -1.04 15.50
N ASP A 501 6.16 -1.39 16.32
CA ASP A 501 5.95 -1.40 17.77
C ASP A 501 5.58 -0.01 18.29
N PHE A 502 6.34 0.99 17.86
CA PHE A 502 6.05 2.39 18.24
C PHE A 502 4.67 2.78 17.73
N MET A 503 4.35 2.44 16.50
CA MET A 503 3.08 2.81 15.89
C MET A 503 1.90 2.14 16.60
N GLU A 504 2.05 0.85 16.93
CA GLU A 504 1.06 0.16 17.71
C GLU A 504 0.87 0.80 19.08
N ARG A 505 1.96 1.15 19.75
CA ARG A 505 1.89 1.79 21.08
CA ARG A 505 1.85 1.75 21.08
C ARG A 505 1.18 3.12 20.99
N LEU A 506 1.47 3.86 19.94
CA LEU A 506 0.88 5.17 19.75
C LEU A 506 -0.60 5.06 19.54
N CYS A 507 -1.00 4.16 18.63
CA CYS A 507 -2.41 3.99 18.31
C CYS A 507 -3.22 3.43 19.49
N SER A 508 -2.57 2.58 20.29
CA SER A 508 -3.19 2.02 21.51
CA SER A 508 -3.23 2.04 21.47
C SER A 508 -3.41 3.10 22.57
N ARG A 509 -2.41 3.97 22.72
CA ARG A 509 -2.46 5.03 23.72
C ARG A 509 -3.46 6.11 23.33
N TYR A 510 -3.58 6.32 22.02
CA TYR A 510 -4.42 7.38 21.46
C TYR A 510 -5.38 6.78 20.44
N PRO A 511 -6.35 6.01 20.91
CA PRO A 511 -7.21 5.27 19.98
C PRO A 511 -8.19 6.14 19.18
N ASP A 512 -8.36 7.40 19.55
CA ASP A 512 -9.24 8.28 18.78
C ASP A 512 -8.49 9.13 17.78
N LEU A 513 -7.16 8.98 17.76
CA LEU A 513 -6.29 9.74 16.89
C LEU A 513 -6.46 9.26 15.46
N LEU A 514 -6.59 10.20 14.54
CA LEU A 514 -6.44 9.91 13.10
C LEU A 514 -4.97 10.07 12.73
N LEU A 515 -4.31 8.96 12.40
CA LEU A 515 -2.91 8.97 12.05
C LEU A 515 -2.78 8.91 10.55
N GLU A 516 -2.26 9.96 9.94
CA GLU A 516 -1.94 9.97 8.51
C GLU A 516 -0.48 9.60 8.35
N GLY A 517 -0.22 8.51 7.64
CA GLY A 517 1.12 8.09 7.32
C GLY A 517 1.71 9.00 6.25
N CYS A 518 3.04 9.12 6.24
CA CYS A 518 3.74 9.95 5.28
C CYS A 518 5.19 9.53 5.21
N SER A 519 5.78 9.67 4.04
CA SER A 519 7.23 9.45 3.88
C SER A 519 7.66 10.23 2.66
N GLY A 520 7.91 11.52 2.84
CA GLY A 520 8.11 12.40 1.71
C GLY A 520 7.02 12.19 0.68
N GLY A 521 5.78 12.27 1.10
CA GLY A 521 4.66 11.81 0.29
C GLY A 521 4.44 10.31 0.43
N GLY A 522 4.37 9.64 -0.71
CA GLY A 522 4.01 8.25 -0.74
C GLY A 522 5.15 7.26 -0.77
N GLY A 523 6.19 7.55 0.01
CA GLY A 523 7.38 6.71 0.10
C GLY A 523 7.20 5.44 0.92
N ARG A 524 6.10 5.31 1.66
CA ARG A 524 5.70 4.08 2.35
C ARG A 524 4.18 3.98 2.22
N PHE A 525 3.74 3.96 0.97
CA PHE A 525 2.33 3.84 0.64
C PHE A 525 2.05 2.37 0.48
N ASP A 526 1.75 1.72 1.58
CA ASP A 526 1.65 0.28 1.60
C ASP A 526 0.61 -0.17 2.63
N ALA A 527 0.16 -1.40 2.47
CA ALA A 527 -0.88 -1.94 3.33
C ALA A 527 -0.42 -2.15 4.74
N GLY A 528 0.90 -2.35 4.94
CA GLY A 528 1.43 -2.34 6.29
C GLY A 528 1.13 -1.08 7.07
N MET A 529 1.32 0.08 6.45
CA MET A 529 1.00 1.35 7.09
CA MET A 529 1.00 1.32 7.12
C MET A 529 -0.50 1.56 7.24
N LEU A 530 -1.29 1.08 6.27
CA LEU A 530 -2.72 1.27 6.29
C LEU A 530 -3.41 0.48 7.40
N TYR A 531 -2.72 -0.52 7.96
CA TYR A 531 -3.19 -1.20 9.15
C TYR A 531 -3.35 -0.22 10.32
N TYR A 532 -2.49 0.80 10.37
CA TYR A 532 -2.45 1.79 11.46
C TYR A 532 -3.11 3.12 11.05
N SER A 533 -2.95 3.50 9.81
CA SER A 533 -3.41 4.78 9.27
CA SER A 533 -3.41 4.79 9.29
C SER A 533 -4.50 4.60 8.21
N PRO A 534 -5.59 5.32 8.32
CA PRO A 534 -6.62 5.16 7.32
C PRO A 534 -6.30 5.97 6.05
N GLN A 535 -5.27 6.80 6.09
CA GLN A 535 -4.84 7.54 4.94
C GLN A 535 -3.34 7.78 5.03
N ILE A 536 -2.74 7.96 3.85
CA ILE A 536 -1.32 8.18 3.67
C ILE A 536 -1.20 9.33 2.71
N TRP A 537 -0.33 10.31 3.01
CA TRP A 537 -0.09 11.41 2.10
C TRP A 537 0.40 10.85 0.76
N CYS A 538 -0.36 11.04 -0.31
CA CYS A 538 -0.15 10.21 -1.48
C CYS A 538 1.15 10.62 -2.20
N SER A 539 1.40 11.91 -2.24
CA SER A 539 2.59 12.45 -2.88
C SER A 539 2.82 13.87 -2.40
N ASP A 540 4.08 14.28 -2.35
CA ASP A 540 4.41 15.68 -2.18
C ASP A 540 4.08 16.50 -3.39
N ASN A 541 3.93 15.83 -4.53
CA ASN A 541 3.45 16.50 -5.74
C ASN A 541 1.96 16.76 -5.59
N THR A 542 1.58 18.05 -5.48
CA THR A 542 0.17 18.44 -5.41
C THR A 542 -0.29 19.12 -6.68
N ASP A 543 0.46 18.94 -7.77
CA ASP A 543 0.06 19.41 -9.08
C ASP A 543 -1.12 18.53 -9.55
N ALA A 544 -2.24 19.16 -9.87
CA ALA A 544 -3.47 18.38 -10.17
C ALA A 544 -3.25 17.45 -11.34
N ILE A 545 -2.53 17.90 -12.37
CA ILE A 545 -2.36 17.09 -13.58
C ILE A 545 -1.48 15.88 -13.25
N ASN A 546 -0.36 16.08 -12.58
CA ASN A 546 0.44 14.94 -12.16
C ASN A 546 -0.32 14.04 -11.23
N ARG A 547 -1.13 14.62 -10.33
CA ARG A 547 -1.89 13.82 -9.38
C ARG A 547 -2.87 12.89 -10.09
N THR A 548 -3.34 13.25 -11.27
CA THR A 548 -4.20 12.31 -11.98
C THR A 548 -3.45 10.99 -12.24
N ARG A 549 -2.19 11.06 -12.62
CA ARG A 549 -1.42 9.86 -12.82
C ARG A 549 -1.08 9.14 -11.54
N ILE A 550 -0.68 9.88 -10.51
CA ILE A 550 -0.27 9.26 -9.27
C ILE A 550 -1.48 8.56 -8.65
N GLN A 551 -2.62 9.23 -8.61
CA GLN A 551 -3.83 8.67 -8.03
C GLN A 551 -4.34 7.46 -8.84
N TYR A 552 -4.25 7.56 -10.17
CA TYR A 552 -4.57 6.41 -11.05
C TYR A 552 -3.76 5.19 -10.69
N GLY A 553 -2.44 5.35 -10.62
CA GLY A 553 -1.58 4.23 -10.31
C GLY A 553 -1.84 3.65 -8.94
N THR A 554 -2.04 4.55 -7.96
CA THR A 554 -2.30 4.18 -6.56
C THR A 554 -3.59 3.36 -6.44
N SER A 555 -4.53 3.61 -7.36
CA SER A 555 -5.86 2.94 -7.29
C SER A 555 -5.80 1.49 -7.69
N PHE A 556 -4.71 1.03 -8.30
CA PHE A 556 -4.68 -0.38 -8.75
C PHE A 556 -4.82 -1.33 -7.56
N PHE A 557 -4.24 -0.97 -6.42
CA PHE A 557 -4.35 -1.74 -5.18
C PHE A 557 -5.02 -1.02 -4.04
N TYR A 558 -4.96 0.30 -3.99
CA TYR A 558 -5.32 1.00 -2.78
C TYR A 558 -6.59 1.81 -2.97
N PRO A 559 -7.45 1.81 -1.94
CA PRO A 559 -8.72 2.52 -2.04
C PRO A 559 -8.52 4.03 -2.08
N VAL A 560 -9.45 4.73 -2.73
CA VAL A 560 -9.45 6.17 -2.78
C VAL A 560 -9.38 6.79 -1.38
N SER A 561 -10.13 6.22 -0.43
CA SER A 561 -10.14 6.71 0.93
C SER A 561 -8.79 6.79 1.61
N ALA A 562 -7.83 6.03 1.12
CA ALA A 562 -6.51 6.01 1.70
C ALA A 562 -5.60 7.09 1.13
N MET A 563 -6.04 7.80 0.09
CA MET A 563 -5.12 8.72 -0.61
C MET A 563 -5.24 10.13 -0.10
N GLY A 564 -4.25 10.56 0.67
CA GLY A 564 -4.19 11.95 1.09
C GLY A 564 -4.03 12.85 -0.14
N ALA A 565 -4.89 13.85 -0.24
CA ALA A 565 -4.92 14.73 -1.42
C ALA A 565 -5.42 16.08 -0.99
N HIS A 566 -4.66 17.14 -1.31
CA HIS A 566 -5.02 18.51 -0.93
C HIS A 566 -5.01 19.45 -2.10
N VAL A 567 -5.95 20.39 -2.08
CA VAL A 567 -5.89 21.56 -2.95
C VAL A 567 -4.75 22.50 -2.51
N SER A 568 -3.84 22.77 -3.42
CA SER A 568 -2.67 23.62 -3.15
C SER A 568 -2.67 24.83 -4.07
N ALA A 569 -1.71 25.73 -3.86
CA ALA A 569 -1.65 26.99 -4.62
C ALA A 569 -1.03 26.78 -5.98
N VAL A 570 -1.22 27.77 -6.87
CA VAL A 570 -0.53 27.81 -8.16
C VAL A 570 0.13 29.18 -8.34
N PRO A 571 1.18 29.25 -9.17
CA PRO A 571 1.87 28.16 -9.85
C PRO A 571 2.31 27.10 -8.85
N ASN A 572 2.16 25.84 -9.25
CA ASN A 572 2.41 24.75 -8.33
C ASN A 572 3.88 24.74 -7.85
N HIS A 573 4.07 24.46 -6.57
CA HIS A 573 5.38 24.57 -5.97
C HIS A 573 6.38 23.52 -6.44
N GLN A 574 5.89 22.44 -6.99
CA GLN A 574 6.75 21.35 -7.49
C GLN A 574 6.99 21.37 -8.99
N THR A 575 6.06 21.90 -9.78
CA THR A 575 6.14 21.87 -11.22
C THR A 575 6.17 23.24 -11.89
N GLY A 576 5.68 24.28 -11.21
CA GLY A 576 5.51 25.58 -11.81
C GLY A 576 4.30 25.72 -12.69
N ARG A 577 3.51 24.66 -12.84
CA ARG A 577 2.32 24.70 -13.68
C ARG A 577 1.12 25.37 -12.98
N VAL A 578 0.32 26.07 -13.77
CA VAL A 578 -0.94 26.65 -13.32
C VAL A 578 -2.09 25.74 -13.71
N THR A 579 -3.03 25.54 -12.78
CA THR A 579 -4.29 24.83 -13.07
C THR A 579 -5.39 25.64 -12.41
N SER A 580 -6.61 25.51 -12.92
CA SER A 580 -7.71 26.19 -12.29
C SER A 580 -7.99 25.65 -10.91
N PHE A 581 -8.58 26.50 -10.09
CA PHE A 581 -8.98 26.13 -8.73
C PHE A 581 -9.99 24.99 -8.78
N HIS A 582 -10.92 25.05 -9.74
CA HIS A 582 -11.91 23.98 -9.90
C HIS A 582 -11.25 22.64 -10.21
N THR A 583 -10.28 22.63 -11.12
CA THR A 583 -9.59 21.37 -11.46
C THR A 583 -8.82 20.79 -10.27
N ARG A 584 -8.12 21.64 -9.52
CA ARG A 584 -7.49 21.20 -8.30
C ARG A 584 -8.49 20.55 -7.33
N GLY A 585 -9.66 21.17 -7.19
CA GLY A 585 -10.71 20.65 -6.34
C GLY A 585 -11.22 19.28 -6.79
N VAL A 586 -11.50 19.10 -8.09
CA VAL A 586 -12.02 17.81 -8.58
C VAL A 586 -10.99 16.71 -8.35
N THR A 587 -9.72 17.02 -8.60
CA THR A 587 -8.66 16.03 -8.48
C THR A 587 -8.44 15.65 -7.01
N ALA A 588 -8.46 16.64 -6.10
CA ALA A 588 -8.21 16.36 -4.68
C ALA A 588 -9.36 15.68 -3.98
N MET A 589 -10.54 15.74 -4.57
CA MET A 589 -11.70 15.03 -4.03
C MET A 589 -11.60 13.53 -4.26
N ALA A 590 -10.65 13.09 -5.10
CA ALA A 590 -10.38 11.65 -5.26
C ALA A 590 -9.39 11.22 -4.19
N GLY A 591 -9.80 11.32 -2.95
CA GLY A 591 -8.94 11.07 -1.84
C GLY A 591 -9.55 11.67 -0.60
N THR A 592 -8.69 12.02 0.35
CA THR A 592 -9.10 12.60 1.61
C THR A 592 -9.73 13.98 1.50
N PHE A 593 -9.36 14.70 0.45
CA PHE A 593 -9.60 16.11 0.30
C PHE A 593 -8.84 16.89 1.40
N GLY A 594 -8.99 18.20 1.41
CA GLY A 594 -8.21 19.08 2.27
C GLY A 594 -7.53 20.15 1.46
N TYR A 595 -6.86 21.06 2.15
CA TYR A 595 -6.23 22.26 1.57
C TYR A 595 -4.82 22.38 2.13
N GLU A 596 -3.94 23.02 1.37
CA GLU A 596 -2.56 23.22 1.79
C GLU A 596 -2.04 24.45 1.06
N LEU A 597 -2.51 25.60 1.59
CA LEU A 597 -2.26 26.92 1.03
C LEU A 597 -2.72 27.93 2.08
N ASN A 598 -2.36 29.19 1.89
CA ASN A 598 -2.85 30.26 2.75
C ASN A 598 -4.09 30.91 2.09
N PRO A 599 -5.29 30.68 2.65
CA PRO A 599 -6.47 31.19 1.91
C PRO A 599 -6.54 32.71 1.90
N ALA A 600 -5.79 33.38 2.76
CA ALA A 600 -5.77 34.84 2.77
C ALA A 600 -5.26 35.43 1.45
N LEU A 601 -4.46 34.66 0.71
CA LEU A 601 -3.94 35.11 -0.59
C LEU A 601 -4.89 34.91 -1.75
N LEU A 602 -6.01 34.22 -1.51
CA LEU A 602 -6.94 33.92 -2.58
C LEU A 602 -7.96 35.05 -2.82
N SER A 603 -8.48 35.07 -4.03
CA SER A 603 -9.58 35.96 -4.38
C SER A 603 -10.83 35.53 -3.68
N ASP A 604 -11.76 36.45 -3.55
CA ASP A 604 -13.05 36.14 -2.96
C ASP A 604 -13.77 35.04 -3.75
N GLU A 605 -13.60 35.02 -5.07
CA GLU A 605 -14.22 34.00 -5.90
C GLU A 605 -13.62 32.63 -5.57
N GLU A 606 -12.30 32.56 -5.37
CA GLU A 606 -11.68 31.28 -5.00
C GLU A 606 -12.06 30.89 -3.57
N LYS A 607 -12.20 31.86 -2.66
CA LYS A 607 -12.69 31.54 -1.31
C LYS A 607 -14.09 30.95 -1.38
N GLN A 608 -14.96 31.51 -2.23
CA GLN A 608 -16.30 30.95 -2.39
C GLN A 608 -16.26 29.55 -3.03
N GLN A 609 -15.34 29.33 -3.98
CA GLN A 609 -15.11 27.96 -4.47
C GLN A 609 -14.77 26.99 -3.36
N ILE A 610 -13.94 27.42 -2.40
CA ILE A 610 -13.60 26.53 -1.28
C ILE A 610 -14.87 26.20 -0.53
N ARG A 611 -15.71 27.19 -0.26
CA ARG A 611 -16.94 26.89 0.47
C ARG A 611 -17.78 25.85 -0.27
N GLU A 612 -17.91 26.01 -1.59
CA GLU A 612 -18.72 25.09 -2.38
CA GLU A 612 -18.69 25.12 -2.44
C GLU A 612 -18.04 23.72 -2.51
N GLN A 613 -16.71 23.71 -2.64
CA GLN A 613 -15.97 22.45 -2.70
C GLN A 613 -16.19 21.61 -1.46
N ILE A 614 -16.14 22.25 -0.29
CA ILE A 614 -16.30 21.51 0.96
C ILE A 614 -17.71 20.91 1.05
N LYS A 615 -18.71 21.70 0.65
CA LYS A 615 -20.08 21.22 0.63
C LYS A 615 -20.23 20.03 -0.31
N THR A 616 -19.60 20.10 -1.49
CA THR A 616 -19.61 19.01 -2.45
C THR A 616 -18.91 17.76 -1.90
N TYR A 617 -17.72 17.93 -1.36
CA TYR A 617 -17.02 16.76 -0.84
C TYR A 617 -17.81 16.12 0.30
N LYS A 618 -18.35 16.93 1.22
CA LYS A 618 -19.10 16.36 2.34
CA LYS A 618 -19.09 16.37 2.33
C LYS A 618 -20.36 15.67 1.85
N LYS A 619 -20.99 16.22 0.82
CA LYS A 619 -22.19 15.60 0.24
C LYS A 619 -21.87 14.21 -0.35
N TYR A 620 -20.72 14.08 -0.98
CA TYR A 620 -20.32 12.84 -1.64
C TYR A 620 -19.29 12.00 -0.88
N GLU A 621 -18.98 12.37 0.37
CA GLU A 621 -17.89 11.74 1.09
C GLU A 621 -18.10 10.24 1.25
N THR A 622 -19.30 9.82 1.65
CA THR A 622 -19.58 8.40 1.80
C THR A 622 -19.47 7.65 0.48
N LEU A 623 -19.98 8.26 -0.58
CA LEU A 623 -19.91 7.65 -1.93
C LEU A 623 -18.46 7.50 -2.41
N ILE A 624 -17.69 8.56 -2.23
CA ILE A 624 -16.27 8.52 -2.66
C ILE A 624 -15.49 7.48 -1.86
N ASN A 625 -15.69 7.45 -0.54
CA ASN A 625 -14.93 6.58 0.33
C ASN A 625 -15.38 5.14 0.34
N GLU A 626 -16.69 4.89 0.25
CA GLU A 626 -17.20 3.54 0.33
C GLU A 626 -17.62 2.98 -1.01
N GLY A 627 -17.82 3.82 -2.00
CA GLY A 627 -18.29 3.33 -3.28
C GLY A 627 -17.27 2.53 -4.05
N THR A 628 -17.79 1.75 -4.98
CA THR A 628 -17.02 0.92 -5.92
C THR A 628 -16.30 1.87 -6.89
N TYR A 629 -14.98 1.73 -7.02
CA TYR A 629 -14.19 2.63 -7.84
C TYR A 629 -13.95 2.04 -9.23
N TRP A 630 -13.99 2.90 -10.22
CA TRP A 630 -13.77 2.54 -11.61
C TRP A 630 -12.87 3.56 -12.27
N ARG A 631 -11.74 3.09 -12.81
CA ARG A 631 -10.95 3.87 -13.74
C ARG A 631 -11.65 3.88 -15.08
N LEU A 632 -11.90 5.07 -15.62
CA LEU A 632 -12.61 5.19 -16.88
C LEU A 632 -11.74 5.59 -18.06
N SER A 633 -10.45 5.83 -17.79
CA SER A 633 -9.50 6.19 -18.81
C SER A 633 -8.11 5.94 -18.24
N ASP A 634 -7.14 5.98 -19.13
CA ASP A 634 -5.72 5.81 -18.80
C ASP A 634 -5.05 7.15 -19.05
N PRO A 635 -4.65 7.86 -17.99
CA PRO A 635 -4.10 9.19 -18.18
C PRO A 635 -2.73 9.22 -18.86
N PHE A 636 -2.10 8.07 -19.05
CA PHE A 636 -0.84 8.03 -19.80
C PHE A 636 -1.09 8.15 -21.29
N THR A 637 -2.29 7.75 -21.76
CA THR A 637 -2.53 7.64 -23.21
C THR A 637 -3.72 8.45 -23.70
N ASP A 638 -4.68 8.71 -22.83
CA ASP A 638 -5.97 9.22 -23.25
C ASP A 638 -6.08 10.73 -23.14
N GLU A 639 -7.18 11.26 -23.68
CA GLU A 639 -7.46 12.70 -23.75
CA GLU A 639 -7.43 12.70 -23.73
C GLU A 639 -7.88 13.25 -22.38
N ILE A 640 -8.30 12.35 -21.51
CA ILE A 640 -8.86 12.69 -20.20
C ILE A 640 -8.37 11.72 -19.16
N ALA A 641 -8.36 12.20 -17.91
CA ALA A 641 -8.25 11.36 -16.71
C ALA A 641 -9.67 11.31 -16.15
N ALA A 642 -10.27 10.14 -16.11
CA ALA A 642 -11.67 10.02 -15.70
C ALA A 642 -11.83 8.84 -14.78
N TRP A 643 -12.66 9.00 -13.74
CA TRP A 643 -12.90 7.94 -12.78
C TRP A 643 -14.29 8.10 -12.23
N MET A 644 -14.79 7.10 -11.52
CA MET A 644 -16.09 7.26 -10.86
C MET A 644 -16.22 6.34 -9.68
N SER A 645 -17.11 6.70 -8.77
CA SER A 645 -17.46 5.89 -7.64
C SER A 645 -18.94 5.60 -7.70
N VAL A 646 -19.33 4.38 -7.38
CA VAL A 646 -20.72 3.88 -7.48
C VAL A 646 -21.12 3.25 -6.17
N SER A 647 -22.30 3.60 -5.68
CA SER A 647 -22.77 3.05 -4.42
C SER A 647 -22.93 1.51 -4.54
N GLU A 648 -22.96 0.84 -3.40
CA GLU A 648 -23.11 -0.63 -3.37
CA GLU A 648 -23.10 -0.63 -3.39
C GLU A 648 -24.39 -1.09 -4.10
N GLU A 649 -25.48 -0.34 -3.92
CA GLU A 649 -26.76 -0.66 -4.55
C GLU A 649 -26.84 -0.19 -5.99
N GLN A 650 -25.78 0.50 -6.44
CA GLN A 650 -25.70 1.01 -7.79
C GLN A 650 -26.78 2.04 -8.10
N ASP A 651 -27.23 2.73 -7.05
CA ASP A 651 -28.26 3.76 -7.18
C ASP A 651 -27.75 5.18 -7.18
N HIS A 652 -26.43 5.33 -7.07
CA HIS A 652 -25.79 6.64 -7.02
CA HIS A 652 -25.79 6.65 -6.98
C HIS A 652 -24.37 6.52 -7.55
N ALA A 653 -23.96 7.52 -8.30
CA ALA A 653 -22.63 7.54 -8.87
C ALA A 653 -22.15 8.96 -9.02
N LEU A 654 -20.85 9.17 -8.79
CA LEU A 654 -20.18 10.43 -9.04
C LEU A 654 -19.09 10.20 -10.03
N VAL A 655 -19.12 10.93 -11.13
CA VAL A 655 -18.15 10.80 -12.24
C VAL A 655 -17.29 12.04 -12.25
N SER A 656 -15.96 11.85 -12.32
CA SER A 656 -14.99 12.91 -12.37
C SER A 656 -14.13 12.82 -13.61
N VAL A 657 -13.88 13.98 -14.21
CA VAL A 657 -13.12 14.05 -15.46
C VAL A 657 -12.18 15.25 -15.42
N VAL A 658 -10.91 15.04 -15.78
CA VAL A 658 -9.96 16.14 -15.99
C VAL A 658 -9.44 16.02 -17.41
N ARG A 659 -9.56 17.08 -18.22
CA ARG A 659 -9.03 17.03 -19.58
C ARG A 659 -7.52 17.20 -19.54
N LEU A 660 -6.84 16.47 -20.41
CA LEU A 660 -5.37 16.42 -20.40
C LEU A 660 -4.69 17.04 -21.62
N MET A 661 -5.46 17.13 -22.70
CA MET A 661 -4.96 17.55 -24.03
CA MET A 661 -4.93 17.57 -24.00
C MET A 661 -5.89 18.59 -24.61
N ALA A 662 -5.34 19.55 -25.37
CA ALA A 662 -6.13 20.61 -25.98
C ALA A 662 -5.65 20.91 -27.38
N GLU A 663 -6.59 20.93 -28.31
CA GLU A 663 -6.32 21.43 -29.63
CA GLU A 663 -6.40 21.29 -29.72
C GLU A 663 -7.52 22.25 -30.13
N ALA A 664 -7.32 22.95 -31.23
CA ALA A 664 -8.36 23.72 -31.87
C ALA A 664 -9.41 22.80 -32.50
N ASN A 665 -10.58 23.34 -32.78
CA ASN A 665 -11.63 22.60 -33.51
C ASN A 665 -11.84 21.23 -32.87
N GLN A 666 -12.03 21.26 -31.55
CA GLN A 666 -11.96 20.05 -30.74
C GLN A 666 -12.97 19.00 -31.20
N ALA A 667 -12.53 17.75 -31.21
CA ALA A 667 -13.44 16.63 -31.38
C ALA A 667 -14.28 16.48 -30.11
N THR A 668 -15.44 15.87 -30.26
CA THR A 668 -16.26 15.56 -29.11
C THR A 668 -15.67 14.40 -28.37
N VAL A 669 -15.47 14.56 -27.06
CA VAL A 669 -14.96 13.50 -26.21
C VAL A 669 -16.11 12.97 -25.35
N TYR A 670 -16.27 11.64 -25.34
CA TYR A 670 -17.27 10.97 -24.52
C TYR A 670 -16.60 10.28 -23.36
N VAL A 671 -17.22 10.36 -22.20
CA VAL A 671 -16.80 9.55 -21.05
CA VAL A 671 -16.80 9.55 -21.06
C VAL A 671 -17.79 8.39 -20.90
N ARG A 672 -17.25 7.17 -20.99
CA ARG A 672 -18.06 5.97 -20.85
C ARG A 672 -18.00 5.49 -19.43
N LEU A 673 -19.18 5.29 -18.83
CA LEU A 673 -19.27 4.94 -17.43
C LEU A 673 -19.18 3.40 -17.29
N ARG A 674 -19.02 2.97 -16.06
CA ARG A 674 -18.93 1.56 -15.72
CA ARG A 674 -18.90 1.55 -15.70
C ARG A 674 -19.64 1.29 -14.41
N GLY A 675 -20.01 0.04 -14.18
CA GLY A 675 -20.51 -0.38 -12.89
C GLY A 675 -21.95 0.00 -12.51
N LEU A 676 -22.75 0.34 -13.50
CA LEU A 676 -24.16 0.66 -13.29
C LEU A 676 -25.04 -0.52 -13.67
N LYS A 677 -26.31 -0.41 -13.31
CA LYS A 677 -27.30 -1.40 -13.70
C LYS A 677 -27.81 -1.07 -15.09
N PRO A 678 -27.63 -2.00 -16.05
CA PRO A 678 -27.95 -1.69 -17.44
C PRO A 678 -29.38 -1.19 -17.70
N ASP A 679 -30.35 -1.77 -17.01
CA ASP A 679 -31.76 -1.45 -17.29
C ASP A 679 -32.31 -0.35 -16.41
N ALA A 680 -31.55 0.08 -15.41
CA ALA A 680 -31.98 1.16 -14.55
C ALA A 680 -31.92 2.49 -15.26
N VAL A 681 -32.78 3.42 -14.85
CA VAL A 681 -32.75 4.78 -15.36
C VAL A 681 -32.09 5.69 -14.34
N TYR A 682 -31.11 6.47 -14.80
CA TYR A 682 -30.33 7.40 -13.95
C TYR A 682 -30.59 8.87 -14.35
N LEU A 683 -30.81 9.72 -13.33
CA LEU A 683 -30.97 11.15 -13.50
C LEU A 683 -29.61 11.81 -13.29
N GLU A 684 -29.15 12.61 -14.26
CA GLU A 684 -27.94 13.40 -14.06
C GLU A 684 -28.40 14.69 -13.42
N GLU A 685 -27.77 15.04 -12.31
CA GLU A 685 -28.34 16.03 -11.38
C GLU A 685 -28.42 17.45 -11.96
N GLN A 686 -27.27 17.98 -12.37
CA GLN A 686 -27.17 19.38 -12.83
C GLN A 686 -28.02 19.64 -14.09
N SER A 687 -27.99 18.71 -15.02
CA SER A 687 -28.68 18.86 -16.30
C SER A 687 -30.14 18.44 -16.23
N GLY A 688 -30.46 17.53 -15.32
CA GLY A 688 -31.80 16.96 -15.25
C GLY A 688 -32.16 15.95 -16.33
N ARG A 689 -31.18 15.53 -17.13
CA ARG A 689 -31.41 14.52 -18.16
CA ARG A 689 -31.44 14.51 -18.16
C ARG A 689 -31.34 13.11 -17.58
N GLN A 690 -32.10 12.19 -18.17
CA GLN A 690 -32.23 10.81 -17.74
C GLN A 690 -31.68 9.84 -18.80
N TYR A 691 -30.97 8.82 -18.35
CA TYR A 691 -30.28 7.87 -19.23
C TYR A 691 -30.40 6.48 -18.65
N SER A 692 -30.44 5.45 -19.48
CA SER A 692 -30.33 4.07 -18.95
C SER A 692 -28.87 3.78 -18.58
N GLY A 693 -28.64 2.85 -17.66
CA GLY A 693 -27.27 2.44 -17.39
C GLY A 693 -26.57 1.92 -18.64
N ALA A 694 -27.30 1.18 -19.47
CA ALA A 694 -26.73 0.62 -20.69
C ALA A 694 -26.18 1.72 -21.61
N ALA A 695 -26.98 2.77 -21.78
CA ALA A 695 -26.59 3.92 -22.60
C ALA A 695 -25.33 4.54 -22.06
N LEU A 696 -25.34 4.79 -20.75
CA LEU A 696 -24.19 5.43 -20.09
C LEU A 696 -22.92 4.58 -20.18
N MET A 697 -23.05 3.26 -20.19
CA MET A 697 -21.87 2.39 -20.28
C MET A 697 -21.42 2.11 -21.69
N HIS A 698 -22.32 2.15 -22.67
CA HIS A 698 -21.95 1.83 -24.05
CA HIS A 698 -21.92 1.83 -24.04
C HIS A 698 -21.60 3.07 -24.87
N ALA A 699 -22.46 4.08 -24.79
CA ALA A 699 -22.20 5.36 -25.49
C ALA A 699 -21.54 6.41 -24.61
N GLY A 700 -21.84 6.36 -23.32
CA GLY A 700 -21.37 7.36 -22.37
C GLY A 700 -22.07 8.68 -22.55
N ILE A 701 -21.42 9.74 -22.07
CA ILE A 701 -21.95 11.08 -22.22
C ILE A 701 -20.91 11.98 -22.84
N PRO A 702 -21.37 12.90 -23.68
CA PRO A 702 -20.43 13.83 -24.32
C PRO A 702 -20.03 14.90 -23.30
N LEU A 703 -18.74 15.22 -23.25
CA LEU A 703 -18.28 16.26 -22.35
C LEU A 703 -18.62 17.61 -22.99
N PRO A 704 -18.99 18.60 -22.17
CA PRO A 704 -19.11 19.95 -22.70
C PRO A 704 -17.80 20.38 -23.34
N PRO A 705 -17.89 21.13 -24.44
CA PRO A 705 -16.64 21.58 -25.07
C PRO A 705 -15.84 22.45 -24.09
N PHE A 706 -14.52 22.30 -24.10
CA PHE A 706 -13.67 23.11 -23.23
C PHE A 706 -13.42 24.48 -23.84
N THR A 707 -13.19 25.45 -22.97
CA THR A 707 -12.76 26.77 -23.41
C THR A 707 -11.41 27.17 -22.80
N GLU A 708 -10.86 26.36 -21.91
CA GLU A 708 -9.56 26.64 -21.30
C GLU A 708 -8.86 25.30 -21.09
N GLU A 709 -7.60 25.35 -20.73
CA GLU A 709 -6.81 24.11 -20.63
C GLU A 709 -7.09 23.41 -19.29
N TYR A 710 -6.96 22.09 -19.29
CA TYR A 710 -7.08 21.28 -18.09
C TYR A 710 -8.39 21.47 -17.35
N GLU A 711 -9.48 21.57 -18.09
CA GLU A 711 -10.78 21.74 -17.50
CA GLU A 711 -10.79 21.73 -17.49
C GLU A 711 -11.26 20.44 -16.87
N ALA A 712 -12.05 20.55 -15.81
CA ALA A 712 -12.55 19.41 -15.09
C ALA A 712 -14.05 19.47 -14.91
N TYR A 713 -14.61 18.31 -14.64
CA TYR A 713 -16.05 18.11 -14.56
C TYR A 713 -16.35 17.10 -13.48
N GLN A 714 -17.50 17.27 -12.85
CA GLN A 714 -18.10 16.25 -12.02
C GLN A 714 -19.57 16.13 -12.42
N PHE A 715 -20.01 14.89 -12.57
CA PHE A 715 -21.39 14.56 -12.91
C PHE A 715 -21.91 13.60 -11.85
N ALA A 716 -23.08 13.90 -11.31
CA ALA A 716 -23.73 13.02 -10.35
C ALA A 716 -24.96 12.37 -10.96
N PHE A 717 -25.09 11.07 -10.73
CA PHE A 717 -26.22 10.31 -11.26
C PHE A 717 -26.95 9.64 -10.12
N THR A 718 -28.28 9.69 -10.18
CA THR A 718 -29.15 9.06 -9.17
C THR A 718 -30.16 8.17 -9.88
N GLU A 719 -30.28 6.93 -9.43
CA GLU A 719 -31.27 6.02 -9.97
C GLU A 719 -32.69 6.52 -9.68
N LEU A 720 -33.50 6.54 -10.74
CA LEU A 720 -34.94 6.79 -10.59
C LEU A 720 -35.63 5.46 -10.45
#